data_5QSU
#
_entry.id   5QSU
#
_cell.length_a   65.340
_cell.length_b   124.030
_cell.length_c   231.300
_cell.angle_alpha   90.000
_cell.angle_beta   90.000
_cell.angle_gamma   90.000
#
_symmetry.space_group_name_H-M   'P 21 21 21'
#
loop_
_entity.id
_entity.type
_entity.pdbx_description
1 polymer 'Cohesin subunit SA-1'
2 non-polymer 4-[(furan-2-yl)methyl]-1lambda~6~,4-thiazinane-1,1-dione
3 water water
#
_entity_poly.entity_id   1
_entity_poly.type   'polypeptide(L)'
_entity_poly.pdbx_seq_one_letter_code
;SMGGTLFEVVKLGKSAMQSVVDDWIESYKQDRDIALLDLINFFIQCSGCRGTVRIEMFRNMQNAEIIRKMTEEFDEDSGD
YPLTMPGPQWKKFRSNFCEFIGVLIRQCQYSIIYDEYMMDTVISLLTGLSDSQVRAFRHTSTLAAMKLMTALVNVALNLS
IHQDNTQRQYEAERNKMIGKRANERLELLLQKRKELQENQDEIENMMNSIFKGIFVHRYRDAIAEIRAICIEEIGVWMKM
YSDAFLNDSYLKYVGWTLHDRQGEVRLKCLKALQSLYTNRELFPKLELFTNRFKDRIVSMTLDKEYDVAVEAIRLVTLIL
HGSEEALSNEDCENVYHLV
;
_entity_poly.pdbx_strand_id   C,A,B,D
#
loop_
_chem_comp.id
_chem_comp.type
_chem_comp.name
_chem_comp.formula
O3D non-polymer 4-[(furan-2-yl)methyl]-1lambda~6~,4-thiazinane-1,1-dione 'C9 H13 N O3 S'
#
# COMPACT_ATOMS: atom_id res chain seq x y z
N GLY A 4 -14.92 -4.80 -3.93
CA GLY A 4 -16.07 -4.98 -4.87
C GLY A 4 -17.21 -5.77 -4.25
N THR A 5 -17.52 -6.95 -4.83
CA THR A 5 -18.73 -7.75 -4.52
C THR A 5 -18.52 -8.51 -3.21
N LEU A 6 -19.64 -8.87 -2.57
CA LEU A 6 -19.61 -9.57 -1.27
C LEU A 6 -18.58 -10.69 -1.37
N PHE A 7 -18.63 -11.49 -2.43
CA PHE A 7 -17.75 -12.66 -2.64
C PHE A 7 -16.27 -12.25 -2.63
N GLU A 8 -15.86 -11.33 -3.52
CA GLU A 8 -14.43 -10.89 -3.65
C GLU A 8 -13.93 -10.37 -2.30
N VAL A 9 -14.75 -9.62 -1.58
CA VAL A 9 -14.37 -9.08 -0.24
C VAL A 9 -14.16 -10.24 0.75
N VAL A 10 -15.11 -11.17 0.79
CA VAL A 10 -15.07 -12.31 1.73
C VAL A 10 -13.90 -13.22 1.35
N LYS A 11 -13.71 -13.53 0.06
CA LYS A 11 -12.61 -14.41 -0.41
C LYS A 11 -11.27 -13.82 0.00
N LEU A 12 -11.10 -12.51 -0.14
CA LEU A 12 -9.83 -11.80 0.17
C LEU A 12 -9.68 -11.64 1.69
N GLY A 13 -10.74 -11.25 2.39
CA GLY A 13 -10.83 -11.31 3.86
C GLY A 13 -9.88 -10.37 4.58
N LYS A 14 -9.70 -9.15 4.08
CA LYS A 14 -8.71 -8.18 4.61
C LYS A 14 -9.06 -7.77 6.05
N SER A 15 -8.05 -7.87 6.92
CA SER A 15 -8.08 -7.37 8.32
C SER A 15 -8.42 -5.88 8.33
N ALA A 16 -8.88 -5.40 9.46
CA ALA A 16 -9.09 -3.96 9.72
C ALA A 16 -7.82 -3.20 9.33
N MET A 17 -6.68 -3.65 9.86
CA MET A 17 -5.39 -2.97 9.69
C MET A 17 -4.91 -3.15 8.24
N GLN A 18 -5.17 -4.27 7.59
CA GLN A 18 -4.64 -4.37 6.21
C GLN A 18 -5.38 -3.36 5.34
N SER A 19 -6.68 -3.19 5.54
CA SER A 19 -7.54 -2.27 4.73
C SER A 19 -7.03 -0.83 4.84
N VAL A 20 -6.72 -0.38 6.08
CA VAL A 20 -6.23 0.99 6.32
C VAL A 20 -4.82 1.13 5.76
N VAL A 21 -3.96 0.11 5.91
CA VAL A 21 -2.59 0.18 5.31
C VAL A 21 -2.70 0.32 3.80
N ASP A 22 -3.44 -0.54 3.10
CA ASP A 22 -3.52 -0.51 1.61
C ASP A 22 -4.02 0.87 1.16
N ASP A 23 -4.98 1.48 1.87
CA ASP A 23 -5.46 2.84 1.53
C ASP A 23 -4.34 3.83 1.75
N TRP A 24 -3.67 3.79 2.91
CA TRP A 24 -2.48 4.64 3.15
C TRP A 24 -1.48 4.52 1.99
N ILE A 25 -1.12 3.30 1.58
CA ILE A 25 -0.03 3.05 0.58
C ILE A 25 -0.42 3.73 -0.72
N GLU A 26 -1.68 3.62 -1.10
CA GLU A 26 -2.20 4.27 -2.32
C GLU A 26 -2.11 5.78 -2.12
N SER A 27 -2.53 6.28 -0.97
CA SER A 27 -2.38 7.71 -0.61
C SER A 27 -0.91 8.15 -0.79
N TYR A 28 0.05 7.34 -0.30
CA TYR A 28 1.52 7.59 -0.39
C TYR A 28 1.91 7.73 -1.86
N LYS A 29 1.37 6.87 -2.72
CA LYS A 29 1.74 6.80 -4.15
C LYS A 29 1.21 8.04 -4.88
N GLN A 30 0.06 8.58 -4.49
CA GLN A 30 -0.44 9.86 -5.05
C GLN A 30 0.47 10.98 -4.53
N ASP A 31 0.46 11.27 -3.23
CA ASP A 31 1.31 12.35 -2.62
C ASP A 31 2.03 11.82 -1.36
N ARG A 32 3.36 11.61 -1.43
CA ARG A 32 4.21 11.10 -0.31
C ARG A 32 4.08 12.04 0.89
N ASP A 33 4.26 13.33 0.64
CA ASP A 33 4.33 14.35 1.71
C ASP A 33 3.02 14.33 2.49
N ILE A 34 1.89 14.28 1.80
CA ILE A 34 0.60 14.34 2.52
C ILE A 34 0.48 13.05 3.34
N ALA A 35 0.86 11.92 2.75
CA ALA A 35 0.70 10.58 3.36
C ALA A 35 1.62 10.47 4.57
N LEU A 36 2.88 10.89 4.46
CA LEU A 36 3.76 10.92 5.65
C LEU A 36 3.18 11.86 6.68
N LEU A 37 2.62 12.99 6.24
CA LEU A 37 2.01 13.95 7.20
C LEU A 37 0.94 13.19 7.98
N ASP A 38 0.08 12.43 7.31
CA ASP A 38 -1.03 11.71 7.98
C ASP A 38 -0.45 10.66 8.92
N LEU A 39 0.66 10.03 8.55
CA LEU A 39 1.32 8.99 9.40
C LEU A 39 1.90 9.67 10.64
N ILE A 40 2.49 10.84 10.48
CA ILE A 40 3.09 11.59 11.61
C ILE A 40 1.99 11.96 12.59
N ASN A 41 0.94 12.61 12.11
CA ASN A 41 -0.24 12.94 12.94
C ASN A 41 -0.85 11.66 13.55
N PHE A 42 -0.66 10.48 12.97
CA PHE A 42 -1.11 9.20 13.58
C PHE A 42 -0.36 8.95 14.89
N PHE A 43 0.96 9.02 14.82
CA PHE A 43 1.80 8.77 16.01
C PHE A 43 1.49 9.84 17.06
N ILE A 44 1.27 11.08 16.62
CA ILE A 44 0.96 12.24 17.52
C ILE A 44 -0.37 12.00 18.24
N GLN A 45 -1.42 11.63 17.51
CA GLN A 45 -2.81 11.45 18.04
C GLN A 45 -2.88 10.18 18.90
N CYS A 46 -2.12 9.14 18.56
CA CYS A 46 -2.07 7.88 19.36
C CYS A 46 -1.45 8.17 20.72
N SER A 47 -0.59 9.19 20.84
CA SER A 47 0.04 9.62 22.11
C SER A 47 -0.95 10.37 22.99
N GLY A 48 -2.16 10.65 22.51
CA GLY A 48 -3.15 11.46 23.22
C GLY A 48 -2.93 12.95 23.03
N CYS A 49 -2.09 13.37 22.08
CA CYS A 49 -1.80 14.79 21.81
C CYS A 49 -2.94 15.37 20.95
N ARG A 50 -3.45 16.53 21.35
CA ARG A 50 -4.63 17.19 20.70
C ARG A 50 -4.13 17.92 19.43
N GLY A 51 -2.82 18.15 19.30
CA GLY A 51 -2.22 18.97 18.23
C GLY A 51 -2.25 18.30 16.87
N THR A 52 -2.02 19.09 15.83
CA THR A 52 -2.03 18.65 14.42
C THR A 52 -0.85 19.28 13.68
N VAL A 53 0.08 18.46 13.20
CA VAL A 53 1.15 18.91 12.29
C VAL A 53 0.53 19.25 10.94
N ARG A 54 0.75 20.47 10.47
CA ARG A 54 0.31 20.94 9.13
C ARG A 54 1.44 20.73 8.11
N ILE A 55 1.08 20.61 6.84
CA ILE A 55 1.98 20.20 5.72
C ILE A 55 3.14 21.22 5.63
N GLU A 56 2.89 22.52 5.82
CA GLU A 56 3.95 23.56 5.68
C GLU A 56 4.90 23.49 6.89
N MET A 57 4.45 22.95 8.02
CA MET A 57 5.34 22.64 9.17
C MET A 57 6.19 21.44 8.75
N PHE A 58 5.55 20.41 8.24
CA PHE A 58 6.25 19.21 7.73
C PHE A 58 7.37 19.65 6.78
N ARG A 59 7.14 20.63 5.91
CA ARG A 59 8.08 20.94 4.80
C ARG A 59 9.13 21.97 5.25
N ASN A 60 8.89 22.78 6.29
CA ASN A 60 9.80 23.89 6.71
C ASN A 60 10.56 23.56 8.01
N MET A 61 9.97 22.80 8.92
CA MET A 61 10.52 22.64 10.29
C MET A 61 11.26 21.31 10.39
N GLN A 62 12.18 21.20 11.36
CA GLN A 62 12.84 19.93 11.77
C GLN A 62 11.93 19.18 12.75
N ASN A 63 12.22 17.90 13.01
CA ASN A 63 11.44 17.13 13.99
C ASN A 63 11.46 17.82 15.36
N ALA A 64 12.63 18.27 15.79
CA ALA A 64 12.84 18.90 17.12
C ALA A 64 11.74 19.95 17.35
N GLU A 65 11.58 20.87 16.39
CA GLU A 65 10.64 22.00 16.50
C GLU A 65 9.22 21.45 16.40
N ILE A 66 8.98 20.54 15.45
CA ILE A 66 7.61 19.97 15.26
C ILE A 66 7.21 19.36 16.58
N ILE A 67 8.12 18.58 17.17
CA ILE A 67 7.82 17.86 18.44
C ILE A 67 7.60 18.89 19.54
N ARG A 68 8.51 19.84 19.69
CA ARG A 68 8.40 20.92 20.71
C ARG A 68 7.05 21.62 20.53
N LYS A 69 6.64 21.93 19.30
CA LYS A 69 5.35 22.63 19.03
C LYS A 69 4.21 21.71 19.45
N MET A 70 4.33 20.40 19.22
CA MET A 70 3.24 19.43 19.54
C MET A 70 3.23 19.12 21.04
N THR A 71 4.40 19.15 21.68
CA THR A 71 4.55 19.11 23.16
C THR A 71 3.64 20.17 23.78
N GLU A 72 3.56 21.38 23.21
CA GLU A 72 2.83 22.51 23.84
C GLU A 72 1.32 22.25 23.89
N GLU A 73 0.78 21.33 23.09
CA GLU A 73 -0.68 21.10 22.96
C GLU A 73 -1.15 19.86 23.73
N PHE A 74 -0.59 19.58 24.90
CA PHE A 74 -1.09 18.50 25.79
C PHE A 74 -1.99 19.11 26.85
N ASP A 75 -2.90 18.28 27.39
CA ASP A 75 -3.71 18.58 28.60
C ASP A 75 -2.71 18.64 29.78
N GLU A 76 -2.43 19.83 30.30
CA GLU A 76 -1.48 20.03 31.44
C GLU A 76 -1.96 19.19 32.63
N ASP A 77 -3.27 18.98 32.79
CA ASP A 77 -3.89 18.26 33.95
C ASP A 77 -3.62 16.75 33.84
N SER A 78 -4.08 16.08 32.78
CA SER A 78 -4.07 14.60 32.66
C SER A 78 -2.72 14.09 32.17
N GLY A 79 -2.20 13.04 32.82
CA GLY A 79 -1.09 12.21 32.31
C GLY A 79 -1.60 10.88 31.78
N ASP A 80 -2.90 10.77 31.46
CA ASP A 80 -3.60 9.52 31.06
C ASP A 80 -3.86 9.50 29.54
N TYR A 81 -3.27 8.53 28.83
CA TYR A 81 -3.19 8.50 27.34
C TYR A 81 -3.62 7.14 26.82
N PRO A 82 -3.89 6.98 25.49
CA PRO A 82 -4.46 5.74 24.93
C PRO A 82 -3.77 4.43 25.30
N LEU A 83 -2.46 4.40 25.39
CA LEU A 83 -1.77 3.15 25.76
C LEU A 83 -1.94 2.83 27.25
N THR A 84 -2.51 3.73 28.07
CA THR A 84 -2.75 3.52 29.53
C THR A 84 -4.20 3.79 29.95
N MET A 85 -5.14 3.99 29.04
CA MET A 85 -6.57 4.13 29.41
C MET A 85 -7.18 2.73 29.52
N PRO A 86 -8.03 2.46 30.54
CA PRO A 86 -8.43 1.09 30.84
C PRO A 86 -9.45 0.54 29.82
N GLY A 87 -10.51 1.30 29.50
CA GLY A 87 -11.51 0.88 28.48
C GLY A 87 -12.86 1.59 28.64
N PRO A 88 -14.00 0.99 28.18
CA PRO A 88 -14.02 -0.23 27.35
C PRO A 88 -13.61 -0.13 25.86
N GLN A 89 -13.60 1.08 25.26
CA GLN A 89 -13.09 1.34 23.88
C GLN A 89 -11.66 0.78 23.78
N TRP A 90 -10.76 1.34 24.59
CA TRP A 90 -9.29 1.28 24.48
C TRP A 90 -8.76 -0.15 24.71
N LYS A 91 -9.64 -1.09 25.07
CA LYS A 91 -9.37 -2.55 25.08
C LYS A 91 -8.30 -2.90 24.02
N LYS A 92 -8.70 -2.88 22.74
CA LYS A 92 -7.97 -3.51 21.62
C LYS A 92 -7.20 -2.44 20.83
N PHE A 93 -7.29 -1.16 21.23
CA PHE A 93 -6.50 -0.09 20.58
C PHE A 93 -5.02 -0.52 20.54
N ARG A 94 -4.46 -0.89 21.70
CA ARG A 94 -3.02 -1.28 21.83
C ARG A 94 -2.74 -2.44 20.86
N SER A 95 -3.66 -3.38 20.75
CA SER A 95 -3.51 -4.53 19.83
C SER A 95 -3.55 -4.04 18.36
N ASN A 96 -4.47 -3.14 18.01
CA ASN A 96 -4.57 -2.58 16.65
C ASN A 96 -3.37 -1.70 16.35
N PHE A 97 -2.99 -0.85 17.29
CA PHE A 97 -1.78 -0.01 17.18
C PHE A 97 -0.54 -0.85 16.84
N CYS A 98 -0.34 -2.00 17.49
CA CYS A 98 0.82 -2.90 17.25
C CYS A 98 0.64 -3.62 15.90
N GLU A 99 -0.55 -4.10 15.59
CA GLU A 99 -0.76 -4.86 14.33
C GLU A 99 -0.59 -3.90 13.15
N PHE A 100 -1.08 -2.67 13.28
CA PHE A 100 -0.96 -1.63 12.22
C PHE A 100 0.50 -1.51 11.79
N ILE A 101 1.40 -1.35 12.75
CA ILE A 101 2.84 -1.10 12.41
C ILE A 101 3.36 -2.27 11.60
N GLY A 102 3.02 -3.48 12.03
CA GLY A 102 3.54 -4.73 11.44
C GLY A 102 3.05 -4.84 10.02
N VAL A 103 1.77 -4.53 9.83
CA VAL A 103 1.06 -4.70 8.53
C VAL A 103 1.62 -3.64 7.56
N LEU A 104 1.63 -2.38 8.01
CA LEU A 104 2.22 -1.25 7.26
C LEU A 104 3.57 -1.67 6.70
N ILE A 105 4.50 -2.12 7.56
CA ILE A 105 5.86 -2.43 7.06
C ILE A 105 5.75 -3.67 6.18
N ARG A 106 4.96 -4.67 6.57
CA ARG A 106 4.85 -5.90 5.75
C ARG A 106 4.42 -5.48 4.33
N GLN A 107 3.37 -4.66 4.22
CA GLN A 107 2.79 -4.25 2.90
C GLN A 107 3.74 -3.34 2.11
N CYS A 108 4.50 -2.47 2.75
CA CYS A 108 5.53 -1.61 2.11
C CYS A 108 6.82 -2.37 1.82
N GLN A 109 6.98 -3.61 2.28
CA GLN A 109 8.32 -4.25 2.41
C GLN A 109 9.04 -4.55 1.07
N TYR A 110 8.40 -4.33 -0.10
CA TYR A 110 8.97 -4.72 -1.42
C TYR A 110 9.34 -3.48 -2.26
N SER A 111 8.81 -2.30 -1.94
CA SER A 111 9.19 -1.06 -2.66
C SER A 111 9.35 0.10 -1.68
N ILE A 112 8.25 0.57 -1.10
CA ILE A 112 8.17 1.87 -0.36
C ILE A 112 9.26 1.89 0.72
N ILE A 113 9.39 0.79 1.46
CA ILE A 113 10.35 0.66 2.58
C ILE A 113 11.75 1.11 2.12
N TYR A 114 12.08 0.96 0.84
CA TYR A 114 13.46 1.17 0.32
C TYR A 114 13.59 2.54 -0.37
N ASP A 115 12.52 3.33 -0.42
CA ASP A 115 12.46 4.59 -1.21
C ASP A 115 13.19 5.78 -0.55
N GLU A 116 13.88 5.57 0.59
CA GLU A 116 14.85 6.50 1.22
C GLU A 116 14.16 7.70 1.90
N TYR A 117 12.84 7.70 2.06
CA TYR A 117 12.06 8.88 2.52
C TYR A 117 11.04 8.46 3.59
N MET A 118 10.33 7.36 3.36
CA MET A 118 9.28 6.89 4.28
C MET A 118 9.92 6.45 5.61
N MET A 119 10.91 5.56 5.58
CA MET A 119 11.45 4.98 6.83
C MET A 119 12.29 6.02 7.57
N ASP A 120 13.05 6.84 6.86
CA ASP A 120 13.87 7.91 7.49
C ASP A 120 12.91 8.90 8.16
N THR A 121 11.82 9.28 7.51
CA THR A 121 10.79 10.16 8.15
C THR A 121 10.29 9.51 9.44
N VAL A 122 9.90 8.24 9.40
CA VAL A 122 9.29 7.53 10.55
C VAL A 122 10.31 7.39 11.69
N ILE A 123 11.50 6.85 11.41
CA ILE A 123 12.45 6.52 12.50
C ILE A 123 12.93 7.82 13.16
N SER A 124 13.12 8.88 12.40
CA SER A 124 13.42 10.24 12.90
C SER A 124 12.36 10.66 13.93
N LEU A 125 11.10 10.71 13.52
CA LEU A 125 9.99 11.18 14.38
C LEU A 125 9.97 10.30 15.64
N LEU A 126 9.92 8.98 15.43
CA LEU A 126 9.82 8.02 16.55
C LEU A 126 11.01 8.25 17.48
N THR A 127 12.23 8.41 16.95
CA THR A 127 13.44 8.66 17.78
C THR A 127 13.25 9.94 18.61
N GLY A 128 12.74 11.00 17.99
CA GLY A 128 12.61 12.32 18.65
C GLY A 128 11.54 12.28 19.71
N LEU A 129 10.37 11.70 19.39
CA LEU A 129 9.31 11.45 20.39
C LEU A 129 9.83 10.56 21.52
N SER A 130 10.75 9.64 21.26
CA SER A 130 11.25 8.68 22.28
C SER A 130 12.10 9.42 23.32
N ASP A 131 12.64 10.60 23.00
CA ASP A 131 13.49 11.40 23.94
C ASP A 131 12.64 12.50 24.55
N SER A 132 11.34 12.52 24.32
CA SER A 132 10.43 13.55 24.86
C SER A 132 10.46 13.46 26.39
N GLN A 133 10.39 14.60 27.07
CA GLN A 133 10.08 14.63 28.52
C GLN A 133 8.65 14.09 28.71
N VAL A 134 7.73 14.28 27.75
CA VAL A 134 6.31 13.86 27.92
C VAL A 134 6.22 12.34 27.93
N ARG A 135 5.67 11.81 29.01
CA ARG A 135 5.60 10.35 29.28
C ARG A 135 4.85 9.69 28.13
N ALA A 136 3.72 10.27 27.71
CA ALA A 136 2.84 9.72 26.66
C ALA A 136 3.60 9.58 25.34
N PHE A 137 4.49 10.51 25.02
CA PHE A 137 5.23 10.50 23.74
C PHE A 137 6.26 9.37 23.82
N ARG A 138 7.03 9.35 24.90
CA ARG A 138 8.10 8.33 25.08
C ARG A 138 7.46 6.96 24.93
N HIS A 139 6.34 6.73 25.61
CA HIS A 139 5.69 5.41 25.71
C HIS A 139 5.16 5.02 24.32
N THR A 140 4.41 5.89 23.64
CA THR A 140 3.77 5.55 22.34
C THR A 140 4.86 5.31 21.29
N SER A 141 5.85 6.20 21.21
CA SER A 141 6.90 6.17 20.18
C SER A 141 7.73 4.91 20.39
N THR A 142 8.02 4.59 21.64
CA THR A 142 9.00 3.53 22.00
C THR A 142 8.35 2.19 21.68
N LEU A 143 7.11 2.01 22.11
CA LEU A 143 6.32 0.81 21.71
C LEU A 143 6.38 0.69 20.18
N ALA A 144 5.96 1.75 19.47
CA ALA A 144 5.94 1.77 18.00
C ALA A 144 7.30 1.33 17.45
N ALA A 145 8.38 1.93 17.97
CA ALA A 145 9.77 1.70 17.50
C ALA A 145 10.13 0.22 17.68
N MET A 146 9.77 -0.36 18.84
CA MET A 146 10.05 -1.77 19.14
C MET A 146 9.32 -2.61 18.09
N LYS A 147 8.02 -2.34 17.87
CA LYS A 147 7.22 -3.12 16.90
C LYS A 147 7.74 -2.93 15.46
N LEU A 148 8.22 -1.73 15.17
CA LEU A 148 8.86 -1.42 13.88
C LEU A 148 10.04 -2.36 13.74
N MET A 149 10.86 -2.43 14.78
CA MET A 149 12.11 -3.24 14.72
C MET A 149 11.74 -4.69 14.39
N THR A 150 10.75 -5.21 15.08
CA THR A 150 10.30 -6.60 14.88
C THR A 150 9.85 -6.74 13.43
N ALA A 151 9.07 -5.80 12.93
CA ALA A 151 8.56 -5.86 11.54
C ALA A 151 9.75 -5.91 10.55
N LEU A 152 10.77 -5.08 10.77
CA LEU A 152 11.99 -5.07 9.91
C LEU A 152 12.67 -6.43 10.01
N VAL A 153 12.73 -7.05 11.19
CA VAL A 153 13.40 -8.38 11.34
C VAL A 153 12.65 -9.37 10.46
N ASN A 154 11.31 -9.35 10.45
CA ASN A 154 10.53 -10.19 9.48
C ASN A 154 10.89 -9.80 8.04
N VAL A 155 10.96 -8.50 7.72
CA VAL A 155 11.41 -8.12 6.36
C VAL A 155 12.72 -8.84 6.09
N ALA A 156 13.67 -8.86 7.02
CA ALA A 156 14.99 -9.50 6.81
C ALA A 156 14.83 -11.01 6.69
N LEU A 157 13.89 -11.61 7.40
CA LEU A 157 13.67 -13.08 7.36
C LEU A 157 13.13 -13.44 5.97
N ASN A 158 12.15 -12.70 5.44
CA ASN A 158 11.58 -12.95 4.09
C ASN A 158 12.70 -12.78 3.04
N LEU A 159 13.52 -11.73 3.16
CA LEU A 159 14.68 -11.46 2.28
C LEU A 159 15.62 -12.68 2.27
N SER A 160 15.84 -13.31 3.42
CA SER A 160 16.71 -14.52 3.56
C SER A 160 16.15 -15.66 2.73
N ILE A 161 14.83 -15.89 2.78
CA ILE A 161 14.14 -16.93 1.96
C ILE A 161 14.30 -16.56 0.48
N HIS A 162 14.04 -15.30 0.10
CA HIS A 162 14.20 -14.83 -1.31
C HIS A 162 15.68 -15.00 -1.75
N GLN A 163 16.64 -14.78 -0.86
CA GLN A 163 18.07 -14.94 -1.23
C GLN A 163 18.30 -16.43 -1.51
N ASP A 164 17.77 -17.30 -0.66
CA ASP A 164 17.94 -18.77 -0.81
C ASP A 164 17.30 -19.22 -2.12
N ASN A 165 16.06 -18.80 -2.39
CA ASN A 165 15.34 -19.15 -3.65
C ASN A 165 16.24 -18.75 -4.83
N THR A 166 16.62 -17.47 -4.93
CA THR A 166 17.48 -16.92 -6.01
C THR A 166 18.81 -17.66 -6.08
N GLN A 167 19.43 -18.01 -4.93
CA GLN A 167 20.73 -18.75 -4.94
C GLN A 167 20.53 -20.07 -5.69
N ARG A 168 19.46 -20.82 -5.35
CA ARG A 168 19.10 -22.11 -5.99
C ARG A 168 18.92 -21.88 -7.49
N GLN A 169 18.08 -20.91 -7.84
CA GLN A 169 17.68 -20.62 -9.24
C GLN A 169 18.92 -20.29 -10.06
N TYR A 170 19.81 -19.45 -9.51
CA TYR A 170 21.11 -19.11 -10.15
C TYR A 170 21.86 -20.42 -10.42
N GLU A 171 21.96 -21.30 -9.42
CA GLU A 171 22.78 -22.54 -9.49
C GLU A 171 22.17 -23.53 -10.49
N ALA A 172 20.85 -23.68 -10.51
CA ALA A 172 20.15 -24.52 -11.51
C ALA A 172 20.45 -23.96 -12.92
N GLU A 173 20.42 -22.64 -13.09
CA GLU A 173 20.63 -21.97 -14.40
C GLU A 173 22.12 -21.97 -14.75
N ARG A 174 23.02 -21.85 -13.77
CA ARG A 174 24.49 -21.92 -14.02
C ARG A 174 24.85 -23.29 -14.59
N ASN A 175 24.33 -24.35 -13.95
CA ASN A 175 24.60 -25.76 -14.32
C ASN A 175 23.91 -26.11 -15.65
N LYS A 176 23.94 -25.20 -16.65
CA LYS A 176 23.35 -25.35 -18.01
C LYS A 176 24.07 -24.46 -19.01
N ALA A 182 26.61 -16.96 -21.34
CA ALA A 182 25.93 -16.53 -20.11
C ALA A 182 24.72 -15.68 -20.53
N ASN A 183 23.54 -16.30 -20.61
CA ASN A 183 22.36 -15.71 -21.28
C ASN A 183 21.74 -14.65 -20.35
N GLU A 184 20.57 -14.12 -20.72
CA GLU A 184 19.85 -13.04 -20.00
C GLU A 184 19.42 -13.55 -18.61
N ARG A 185 18.94 -14.79 -18.49
CA ARG A 185 18.42 -15.37 -17.21
C ARG A 185 19.50 -15.44 -16.12
N LEU A 186 20.80 -15.61 -16.46
CA LEU A 186 21.91 -15.66 -15.45
C LEU A 186 22.13 -14.29 -14.82
N GLU A 187 22.48 -13.30 -15.64
CA GLU A 187 22.92 -11.96 -15.16
C GLU A 187 21.72 -11.36 -14.38
N LEU A 188 20.49 -11.63 -14.81
CA LEU A 188 19.28 -11.18 -14.06
C LEU A 188 19.34 -11.76 -12.64
N LEU A 189 19.67 -13.04 -12.52
CA LEU A 189 19.68 -13.74 -11.20
C LEU A 189 20.87 -13.23 -10.38
N LEU A 190 22.06 -13.14 -10.98
CA LEU A 190 23.24 -12.47 -10.36
C LEU A 190 22.85 -11.06 -9.92
N GLN A 191 22.02 -10.35 -10.71
CA GLN A 191 21.59 -8.97 -10.39
C GLN A 191 20.55 -9.00 -9.26
N LYS A 192 19.65 -9.99 -9.24
CA LYS A 192 18.64 -10.06 -8.15
C LYS A 192 19.38 -10.49 -6.88
N ARG A 193 20.36 -11.39 -7.00
CA ARG A 193 21.20 -11.78 -5.83
C ARG A 193 21.76 -10.51 -5.19
N LYS A 194 22.37 -9.62 -5.98
CA LYS A 194 23.06 -8.41 -5.48
C LYS A 194 22.05 -7.43 -4.85
N GLU A 195 20.88 -7.29 -5.47
CA GLU A 195 19.83 -6.32 -5.06
C GLU A 195 19.26 -6.73 -3.69
N LEU A 196 19.08 -8.04 -3.48
CA LEU A 196 18.53 -8.59 -2.21
C LEU A 196 19.58 -8.41 -1.11
N GLN A 197 20.87 -8.58 -1.40
CA GLN A 197 21.90 -8.33 -0.36
C GLN A 197 21.83 -6.84 0.01
N GLU A 198 21.71 -5.95 -0.98
CA GLU A 198 21.60 -4.48 -0.75
C GLU A 198 20.35 -4.15 0.08
N ASN A 199 19.23 -4.85 -0.16
CA ASN A 199 17.98 -4.73 0.63
C ASN A 199 18.23 -5.13 2.09
N GLN A 200 18.92 -6.25 2.32
CA GLN A 200 19.23 -6.73 3.70
C GLN A 200 20.03 -5.63 4.40
N ASP A 201 21.02 -5.11 3.68
CA ASP A 201 21.98 -4.10 4.18
C ASP A 201 21.21 -2.83 4.61
N GLU A 202 20.22 -2.42 3.83
CA GLU A 202 19.45 -1.20 4.13
C GLU A 202 18.55 -1.50 5.34
N ILE A 203 17.93 -2.67 5.39
CA ILE A 203 17.10 -3.06 6.56
C ILE A 203 18.00 -3.02 7.80
N GLU A 204 19.22 -3.54 7.70
CA GLU A 204 20.16 -3.57 8.85
C GLU A 204 20.40 -2.15 9.36
N ASN A 205 20.67 -1.18 8.48
CA ASN A 205 20.92 0.23 8.89
C ASN A 205 19.69 0.80 9.63
N MET A 206 18.48 0.50 9.15
CA MET A 206 17.26 0.97 9.84
C MET A 206 17.21 0.33 11.25
N MET A 207 17.51 -0.98 11.35
CA MET A 207 17.53 -1.69 12.66
C MET A 207 18.59 -1.03 13.56
N ASN A 208 19.75 -0.68 13.01
CA ASN A 208 20.84 -0.10 13.82
C ASN A 208 20.39 1.25 14.35
N SER A 209 19.71 2.06 13.52
CA SER A 209 19.23 3.40 13.93
C SER A 209 18.27 3.27 15.10
N ILE A 210 17.30 2.38 14.99
CA ILE A 210 16.23 2.20 16.01
C ILE A 210 16.91 1.72 17.30
N PHE A 211 17.85 0.77 17.19
CA PHE A 211 18.55 0.19 18.35
C PHE A 211 19.41 1.27 19.04
N LYS A 212 20.30 1.94 18.31
CA LYS A 212 21.24 2.94 18.89
C LYS A 212 20.46 4.20 19.28
N GLY A 213 19.37 4.53 18.59
CA GLY A 213 18.65 5.81 18.76
C GLY A 213 17.57 5.75 19.82
N ILE A 214 17.02 4.56 20.05
CA ILE A 214 15.80 4.37 20.88
C ILE A 214 16.01 3.26 21.91
N PHE A 215 16.30 2.04 21.46
CA PHE A 215 16.35 0.90 22.40
C PHE A 215 17.33 1.21 23.53
N VAL A 216 18.60 1.50 23.21
CA VAL A 216 19.66 1.60 24.27
C VAL A 216 19.38 2.79 25.20
N HIS A 217 18.44 3.66 24.90
CA HIS A 217 18.04 4.76 25.83
C HIS A 217 16.79 4.33 26.59
N ARG A 218 15.81 3.74 25.92
CA ARG A 218 14.48 3.50 26.56
C ARG A 218 14.57 2.30 27.51
N TYR A 219 15.51 1.39 27.33
CA TYR A 219 15.48 0.09 28.06
C TYR A 219 15.60 0.41 29.55
N ARG A 220 16.33 1.49 29.88
CA ARG A 220 16.58 1.93 31.28
C ARG A 220 15.65 3.14 31.56
N ASP A 221 14.51 3.25 30.88
CA ASP A 221 13.58 4.41 31.05
C ASP A 221 13.12 4.48 32.52
N ALA A 222 12.67 5.64 32.95
CA ALA A 222 12.01 5.87 34.26
C ALA A 222 10.73 5.04 34.35
N ILE A 223 9.94 4.95 33.29
CA ILE A 223 8.62 4.27 33.36
C ILE A 223 8.81 2.76 33.19
N ALA A 224 8.19 1.96 34.05
CA ALA A 224 8.47 0.51 34.12
C ALA A 224 7.88 -0.17 32.88
N GLU A 225 6.77 0.33 32.36
CA GLU A 225 6.08 -0.25 31.19
C GLU A 225 6.98 -0.10 29.95
N ILE A 226 7.71 1.01 29.88
CA ILE A 226 8.65 1.29 28.76
C ILE A 226 9.81 0.29 28.87
N ARG A 227 10.27 0.04 30.09
CA ARG A 227 11.42 -0.87 30.31
C ARG A 227 10.98 -2.25 29.84
N ALA A 228 9.79 -2.66 30.26
CA ALA A 228 9.15 -3.96 29.94
C ALA A 228 9.08 -4.11 28.41
N ILE A 229 8.62 -3.07 27.72
CA ILE A 229 8.36 -3.12 26.26
C ILE A 229 9.66 -3.42 25.54
N CYS A 230 10.73 -2.69 25.87
CA CYS A 230 12.08 -2.89 25.28
C CYS A 230 12.57 -4.32 25.54
N ILE A 231 12.47 -4.76 26.78
CA ILE A 231 13.06 -6.06 27.20
C ILE A 231 12.31 -7.18 26.51
N GLU A 232 10.98 -7.10 26.45
CA GLU A 232 10.15 -8.15 25.81
C GLU A 232 10.61 -8.26 24.36
N GLU A 233 10.81 -7.12 23.73
CA GLU A 233 10.94 -7.06 22.27
C GLU A 233 12.36 -7.50 21.89
N ILE A 234 13.37 -7.12 22.67
CA ILE A 234 14.75 -7.53 22.31
C ILE A 234 14.83 -9.06 22.43
N GLY A 235 14.13 -9.62 23.41
CA GLY A 235 13.93 -11.07 23.53
C GLY A 235 13.48 -11.65 22.19
N VAL A 236 12.51 -10.99 21.58
CA VAL A 236 11.91 -11.45 20.30
C VAL A 236 12.95 -11.38 19.19
N TRP A 237 13.71 -10.27 19.10
CA TRP A 237 14.69 -10.10 18.00
C TRP A 237 15.76 -11.18 18.16
N MET A 238 16.16 -11.50 19.40
CA MET A 238 17.24 -12.49 19.68
C MET A 238 16.80 -13.90 19.26
N LYS A 239 15.55 -14.29 19.59
CA LYS A 239 14.98 -15.60 19.15
C LYS A 239 14.93 -15.60 17.63
N MET A 240 14.28 -14.59 17.02
CA MET A 240 13.94 -14.53 15.57
C MET A 240 15.21 -14.46 14.69
N TYR A 241 16.23 -13.71 15.10
CA TYR A 241 17.40 -13.32 14.27
C TYR A 241 18.64 -13.29 15.17
N SER A 242 19.10 -14.48 15.54
CA SER A 242 20.15 -14.69 16.56
C SER A 242 21.50 -14.18 16.03
N ASP A 243 21.77 -14.37 14.73
CA ASP A 243 23.09 -14.06 14.12
C ASP A 243 23.39 -12.59 14.38
N ALA A 244 22.42 -11.71 14.24
CA ALA A 244 22.57 -10.25 14.42
C ALA A 244 22.37 -9.83 15.90
N PHE A 245 21.37 -10.39 16.59
CA PHE A 245 20.92 -9.81 17.89
C PHE A 245 21.42 -10.58 19.13
N LEU A 246 21.61 -11.92 19.05
CA LEU A 246 22.09 -12.72 20.21
C LEU A 246 23.60 -12.64 20.27
N ASN A 247 24.09 -11.72 21.07
CA ASN A 247 25.54 -11.47 21.26
C ASN A 247 25.72 -10.95 22.68
N ASP A 248 26.96 -10.86 23.14
CA ASP A 248 27.29 -10.50 24.55
C ASP A 248 26.96 -9.02 24.74
N SER A 249 27.15 -8.20 23.72
CA SER A 249 26.92 -6.73 23.80
C SER A 249 25.45 -6.45 24.09
N TYR A 250 24.53 -7.17 23.43
CA TYR A 250 23.06 -6.99 23.57
C TYR A 250 22.51 -7.77 24.77
N LEU A 251 23.01 -8.98 25.03
CA LEU A 251 22.57 -9.83 26.20
C LEU A 251 22.84 -9.08 27.50
N LYS A 252 23.95 -8.34 27.53
CA LYS A 252 24.30 -7.38 28.59
C LYS A 252 23.01 -6.67 29.04
N TYR A 253 22.20 -6.15 28.11
CA TYR A 253 21.01 -5.33 28.45
C TYR A 253 19.94 -6.18 29.12
N VAL A 254 19.82 -7.43 28.69
CA VAL A 254 18.84 -8.38 29.27
C VAL A 254 19.37 -8.72 30.66
N GLY A 255 20.68 -8.88 30.75
CA GLY A 255 21.41 -9.24 31.97
C GLY A 255 21.21 -8.19 33.05
N TRP A 256 21.62 -6.96 32.73
N TRP A 256 21.62 -6.94 32.79
CA TRP A 256 21.56 -5.77 33.62
CA TRP A 256 21.51 -5.79 33.74
C TRP A 256 20.11 -5.54 34.11
C TRP A 256 20.06 -5.68 34.21
N THR A 257 19.10 -5.94 33.32
CA THR A 257 17.67 -5.66 33.61
C THR A 257 17.07 -6.74 34.50
N LEU A 258 17.74 -7.87 34.73
CA LEU A 258 17.28 -8.92 35.70
C LEU A 258 17.12 -8.30 37.09
N HIS A 259 17.97 -7.30 37.41
CA HIS A 259 18.08 -6.55 38.70
C HIS A 259 17.00 -5.46 38.79
N ASP A 260 16.08 -5.34 37.83
CA ASP A 260 15.05 -4.27 37.81
C ASP A 260 14.29 -4.30 39.13
N ARG A 261 13.96 -3.13 39.67
CA ARG A 261 13.07 -2.99 40.86
C ARG A 261 11.69 -3.62 40.60
N GLN A 262 11.12 -3.51 39.41
CA GLN A 262 9.68 -3.86 39.19
C GLN A 262 9.54 -5.30 38.71
N GLY A 263 8.59 -6.03 39.30
CA GLY A 263 8.27 -7.43 38.99
C GLY A 263 7.98 -7.65 37.52
N GLU A 264 7.11 -6.81 36.90
CA GLU A 264 6.67 -6.94 35.47
C GLU A 264 7.94 -7.00 34.59
N VAL A 265 8.93 -6.16 34.85
CA VAL A 265 10.17 -6.09 34.03
C VAL A 265 10.96 -7.40 34.19
N ARG A 266 11.15 -7.83 35.43
CA ARG A 266 11.97 -9.03 35.76
C ARG A 266 11.29 -10.21 35.08
N LEU A 267 9.99 -10.33 35.26
CA LEU A 267 9.16 -11.35 34.58
C LEU A 267 9.58 -11.40 33.11
N LYS A 268 9.64 -10.24 32.44
CA LYS A 268 9.85 -10.16 30.97
C LYS A 268 11.25 -10.64 30.62
N CYS A 269 12.26 -10.27 31.39
CA CYS A 269 13.65 -10.76 31.16
C CYS A 269 13.63 -12.27 31.13
N LEU A 270 13.01 -12.85 32.16
CA LEU A 270 13.01 -14.31 32.36
C LEU A 270 12.32 -14.98 31.18
N LYS A 271 11.20 -14.43 30.74
CA LYS A 271 10.45 -15.04 29.63
C LYS A 271 11.28 -14.85 28.36
N ALA A 272 11.95 -13.70 28.24
CA ALA A 272 12.85 -13.44 27.10
C ALA A 272 13.91 -14.54 27.07
N LEU A 273 14.44 -14.89 28.24
CA LEU A 273 15.60 -15.80 28.34
C LEU A 273 15.12 -17.23 28.11
N GLN A 274 13.90 -17.55 28.57
CA GLN A 274 13.29 -18.88 28.39
C GLN A 274 13.30 -19.21 26.91
N SER A 275 12.85 -18.28 26.07
CA SER A 275 12.62 -18.51 24.62
C SER A 275 13.97 -18.77 23.92
N LEU A 276 15.09 -18.31 24.47
CA LEU A 276 16.45 -18.57 23.92
C LEU A 276 16.95 -19.94 24.42
N TYR A 277 16.99 -20.15 25.73
CA TYR A 277 17.56 -21.39 26.35
C TYR A 277 16.82 -22.62 25.87
N THR A 278 15.53 -22.48 25.54
CA THR A 278 14.61 -23.57 25.08
C THR A 278 15.12 -24.16 23.77
N ASN A 279 15.99 -23.43 23.10
CA ASN A 279 16.49 -23.70 21.73
C ASN A 279 17.91 -24.32 21.83
N ARG A 280 18.00 -25.65 21.73
CA ARG A 280 19.29 -26.43 21.74
C ARG A 280 20.36 -25.71 20.89
N GLU A 281 19.99 -25.07 19.78
CA GLU A 281 20.92 -24.49 18.76
C GLU A 281 21.58 -23.20 19.28
N LEU A 282 20.92 -22.48 20.18
CA LEU A 282 21.34 -21.14 20.67
C LEU A 282 22.21 -21.27 21.92
N PHE A 283 22.25 -22.45 22.55
CA PHE A 283 22.89 -22.66 23.86
C PHE A 283 24.36 -22.23 23.78
N PRO A 284 25.21 -22.70 22.82
CA PRO A 284 26.61 -22.28 22.79
C PRO A 284 26.82 -20.76 22.87
N LYS A 285 25.88 -19.97 22.34
CA LYS A 285 25.97 -18.49 22.31
C LYS A 285 25.53 -17.90 23.65
N LEU A 286 25.06 -18.74 24.59
CA LEU A 286 24.54 -18.33 25.93
C LEU A 286 25.55 -18.67 27.03
N GLU A 287 26.55 -19.53 26.76
CA GLU A 287 27.54 -20.01 27.77
C GLU A 287 28.03 -18.85 28.65
N LEU A 288 28.72 -17.86 28.08
CA LEU A 288 29.33 -16.74 28.84
C LEU A 288 28.28 -16.02 29.67
N PHE A 289 27.11 -15.83 29.09
CA PHE A 289 25.99 -15.06 29.70
C PHE A 289 25.56 -15.82 30.98
N THR A 290 25.30 -17.13 30.86
CA THR A 290 24.96 -18.01 32.01
C THR A 290 25.97 -17.79 33.14
N ASN A 291 27.27 -17.88 32.84
CA ASN A 291 28.35 -17.65 33.85
C ASN A 291 28.20 -16.25 34.47
N ARG A 292 28.09 -15.17 33.66
CA ARG A 292 28.10 -13.79 34.23
C ARG A 292 26.84 -13.56 35.08
N PHE A 293 25.73 -14.28 34.87
CA PHE A 293 24.40 -13.95 35.46
C PHE A 293 23.74 -15.14 36.18
N LYS A 294 24.37 -16.32 36.17
CA LYS A 294 24.04 -17.51 37.02
C LYS A 294 23.53 -17.07 38.41
N ASP A 295 24.34 -16.34 39.18
CA ASP A 295 24.00 -15.96 40.58
C ASP A 295 22.66 -15.24 40.54
N ARG A 296 22.55 -14.21 39.70
CA ARG A 296 21.38 -13.31 39.73
C ARG A 296 20.15 -14.08 39.26
N ILE A 297 20.29 -14.87 38.20
CA ILE A 297 19.20 -15.74 37.65
C ILE A 297 18.66 -16.58 38.79
N VAL A 298 19.58 -17.26 39.47
CA VAL A 298 19.27 -18.41 40.35
C VAL A 298 18.65 -17.85 41.64
N SER A 299 19.15 -16.72 42.10
CA SER A 299 18.51 -15.92 43.17
C SER A 299 17.00 -15.80 42.91
N MET A 300 16.61 -15.56 41.66
CA MET A 300 15.22 -15.15 41.38
C MET A 300 14.24 -16.33 41.54
N THR A 301 14.73 -17.57 41.74
CA THR A 301 13.86 -18.77 41.93
C THR A 301 13.08 -18.67 43.24
N LEU A 302 13.53 -17.80 44.16
CA LEU A 302 12.77 -17.38 45.37
C LEU A 302 12.68 -15.86 45.39
N ASP A 303 12.28 -15.26 44.28
CA ASP A 303 12.03 -13.79 44.16
C ASP A 303 10.81 -13.46 45.03
N LYS A 304 10.80 -12.30 45.69
CA LYS A 304 9.67 -11.92 46.58
C LYS A 304 8.34 -12.02 45.80
N GLU A 305 8.34 -11.75 44.48
CA GLU A 305 7.15 -11.83 43.59
C GLU A 305 6.94 -13.28 43.13
N TYR A 306 5.80 -13.86 43.47
CA TYR A 306 5.49 -15.28 43.18
C TYR A 306 5.63 -15.56 41.67
N ASP A 307 5.07 -14.71 40.79
CA ASP A 307 4.97 -14.98 39.33
C ASP A 307 6.37 -14.90 38.71
N VAL A 308 7.24 -14.02 39.23
CA VAL A 308 8.68 -13.95 38.84
C VAL A 308 9.37 -15.28 39.19
N ALA A 309 9.28 -15.66 40.47
CA ALA A 309 9.97 -16.84 41.05
C ALA A 309 9.64 -18.07 40.20
N VAL A 310 8.36 -18.25 39.89
CA VAL A 310 7.89 -19.34 39.00
C VAL A 310 8.72 -19.29 37.71
N GLU A 311 8.80 -18.13 37.06
CA GLU A 311 9.42 -18.00 35.72
C GLU A 311 10.92 -18.23 35.83
N ALA A 312 11.53 -17.86 36.95
CA ALA A 312 12.98 -18.09 37.17
C ALA A 312 13.25 -19.60 37.29
N ILE A 313 12.36 -20.30 37.97
CA ILE A 313 12.50 -21.76 38.20
C ILE A 313 12.43 -22.47 36.85
N ARG A 314 11.47 -22.10 36.01
CA ARG A 314 11.33 -22.61 34.61
C ARG A 314 12.65 -22.35 33.87
N LEU A 315 13.12 -21.10 33.92
CA LEU A 315 14.39 -20.69 33.28
C LEU A 315 15.45 -21.69 33.70
N VAL A 316 15.68 -21.78 35.00
CA VAL A 316 16.82 -22.56 35.56
C VAL A 316 16.66 -24.01 35.11
N THR A 317 15.43 -24.53 35.15
CA THR A 317 15.06 -25.90 34.66
C THR A 317 15.48 -26.06 33.20
N LEU A 318 15.14 -25.05 32.37
CA LEU A 318 15.54 -25.04 30.94
C LEU A 318 17.07 -25.01 30.89
N ILE A 319 17.72 -24.04 31.55
CA ILE A 319 19.21 -23.95 31.57
C ILE A 319 19.76 -25.35 31.86
N LEU A 320 19.30 -25.99 32.93
CA LEU A 320 19.80 -27.31 33.37
C LEU A 320 19.63 -28.33 32.23
N HIS A 321 18.41 -28.51 31.72
CA HIS A 321 18.11 -29.54 30.66
C HIS A 321 19.02 -29.33 29.42
N GLY A 322 19.48 -28.10 29.17
CA GLY A 322 20.43 -27.79 28.08
C GLY A 322 21.68 -28.64 28.17
N SER A 323 22.52 -28.40 29.19
CA SER A 323 23.88 -29.00 29.35
C SER A 323 23.79 -30.46 29.84
N GLY B 4 2.01 20.32 -4.48
CA GLY B 4 3.22 20.54 -3.61
C GLY B 4 3.55 22.01 -3.34
N THR B 5 4.83 22.37 -3.56
CA THR B 5 5.40 23.70 -3.25
C THR B 5 4.73 24.77 -4.14
N LEU B 6 4.64 26.02 -3.69
CA LEU B 6 4.02 27.11 -4.49
C LEU B 6 4.66 27.14 -5.89
N PHE B 7 5.99 27.04 -5.95
CA PHE B 7 6.76 27.31 -7.19
C PHE B 7 6.38 26.27 -8.25
N GLU B 8 6.27 25.00 -7.84
CA GLU B 8 6.05 23.86 -8.75
C GLU B 8 4.61 23.93 -9.23
N VAL B 9 3.68 24.32 -8.36
CA VAL B 9 2.25 24.45 -8.76
C VAL B 9 2.12 25.61 -9.75
N VAL B 10 2.71 26.77 -9.49
CA VAL B 10 2.64 27.93 -10.43
C VAL B 10 3.33 27.54 -11.75
N LYS B 11 4.50 26.92 -11.69
CA LYS B 11 5.26 26.55 -12.91
C LYS B 11 4.42 25.64 -13.79
N LEU B 12 3.78 24.63 -13.20
CA LEU B 12 2.99 23.62 -13.93
C LEU B 12 1.72 24.27 -14.48
N GLY B 13 1.04 25.06 -13.63
CA GLY B 13 -0.09 25.94 -14.02
C GLY B 13 -1.31 25.13 -14.44
N LYS B 14 -1.42 23.89 -13.97
CA LYS B 14 -2.45 22.89 -14.34
C LYS B 14 -3.84 23.49 -14.18
N SER B 15 -4.75 23.20 -15.11
CA SER B 15 -6.11 23.81 -15.17
C SER B 15 -7.06 23.16 -14.15
N ALA B 16 -8.20 23.82 -13.93
CA ALA B 16 -9.33 23.32 -13.12
C ALA B 16 -9.67 21.90 -13.57
N MET B 17 -10.02 21.77 -14.83
CA MET B 17 -10.51 20.50 -15.41
C MET B 17 -9.35 19.49 -15.55
N GLN B 18 -8.12 19.94 -15.81
CA GLN B 18 -6.96 19.01 -15.89
C GLN B 18 -6.84 18.31 -14.54
N SER B 19 -7.05 19.07 -13.45
CA SER B 19 -6.85 18.64 -12.05
C SER B 19 -7.84 17.52 -11.76
N VAL B 20 -9.11 17.87 -11.79
CA VAL B 20 -10.27 16.94 -11.59
C VAL B 20 -10.02 15.65 -12.36
N VAL B 21 -9.73 15.75 -13.66
CA VAL B 21 -9.61 14.58 -14.57
C VAL B 21 -8.48 13.70 -14.08
N ASP B 22 -7.33 14.32 -13.80
CA ASP B 22 -6.14 13.60 -13.28
C ASP B 22 -6.56 12.83 -12.02
N ASP B 23 -7.26 13.49 -11.07
CA ASP B 23 -7.83 12.84 -9.85
C ASP B 23 -8.79 11.73 -10.25
N TRP B 24 -9.69 11.98 -11.20
CA TRP B 24 -10.66 10.94 -11.62
C TRP B 24 -9.89 9.75 -12.16
N ILE B 25 -8.91 9.99 -13.03
CA ILE B 25 -8.12 8.88 -13.66
C ILE B 25 -7.41 8.06 -12.57
N GLU B 26 -6.94 8.70 -11.50
CA GLU B 26 -6.34 7.95 -10.36
C GLU B 26 -7.42 7.06 -9.70
N SER B 27 -8.62 7.60 -9.44
CA SER B 27 -9.71 6.84 -8.76
C SER B 27 -10.14 5.65 -9.63
N TYR B 28 -10.02 5.76 -10.96
CA TYR B 28 -10.33 4.68 -11.93
C TYR B 28 -9.30 3.55 -11.74
N LYS B 29 -8.02 3.89 -11.63
CA LYS B 29 -6.94 2.87 -11.45
C LYS B 29 -7.15 2.13 -10.12
N GLN B 30 -7.53 2.84 -9.06
CA GLN B 30 -7.84 2.29 -7.71
C GLN B 30 -9.05 1.35 -7.76
N ASP B 31 -10.21 1.80 -8.24
CA ASP B 31 -11.45 0.98 -8.43
C ASP B 31 -12.29 1.51 -9.61
N ARG B 32 -12.33 0.75 -10.72
CA ARG B 32 -13.00 1.19 -11.97
C ARG B 32 -14.49 1.43 -11.73
N ASP B 33 -15.18 0.53 -11.04
CA ASP B 33 -16.66 0.63 -10.87
C ASP B 33 -17.02 1.87 -10.07
N ILE B 34 -16.31 2.19 -8.99
CA ILE B 34 -16.67 3.40 -8.19
C ILE B 34 -16.42 4.64 -9.04
N ALA B 35 -15.26 4.69 -9.70
CA ALA B 35 -14.88 5.79 -10.62
C ALA B 35 -15.98 5.97 -11.67
N LEU B 36 -16.36 4.91 -12.39
CA LEU B 36 -17.42 5.01 -13.43
C LEU B 36 -18.76 5.41 -12.78
N LEU B 37 -19.02 5.00 -11.54
CA LEU B 37 -20.27 5.40 -10.84
C LEU B 37 -20.23 6.90 -10.58
N ASP B 38 -19.06 7.46 -10.27
CA ASP B 38 -18.93 8.93 -10.00
C ASP B 38 -19.27 9.65 -11.30
N LEU B 39 -18.61 9.24 -12.39
CA LEU B 39 -18.81 9.76 -13.77
C LEU B 39 -20.30 9.66 -14.12
N ILE B 40 -20.93 8.50 -13.92
CA ILE B 40 -22.38 8.32 -14.19
C ILE B 40 -23.15 9.36 -13.36
N ASN B 41 -22.97 9.36 -12.05
CA ASN B 41 -23.62 10.35 -11.15
C ASN B 41 -23.30 11.79 -11.58
N PHE B 42 -22.15 12.01 -12.22
CA PHE B 42 -21.76 13.36 -12.73
C PHE B 42 -22.77 13.82 -13.80
N PHE B 43 -22.96 13.01 -14.85
CA PHE B 43 -23.89 13.34 -15.97
C PHE B 43 -25.31 13.49 -15.41
N ILE B 44 -25.71 12.62 -14.48
CA ILE B 44 -27.07 12.68 -13.89
C ILE B 44 -27.24 14.05 -13.22
N GLN B 45 -26.21 14.54 -12.55
CA GLN B 45 -26.40 15.71 -11.65
C GLN B 45 -26.23 16.98 -12.45
N CYS B 46 -25.38 16.95 -13.49
CA CYS B 46 -25.24 18.02 -14.50
C CYS B 46 -26.59 18.32 -15.19
N SER B 47 -27.52 17.35 -15.17
CA SER B 47 -28.89 17.48 -15.71
C SER B 47 -29.86 18.08 -14.68
N GLY B 48 -29.37 18.54 -13.54
CA GLY B 48 -30.22 19.10 -12.46
C GLY B 48 -30.92 18.02 -11.64
N CYS B 49 -30.65 16.74 -11.92
CA CYS B 49 -31.22 15.59 -11.18
C CYS B 49 -30.62 15.56 -9.77
N ARG B 50 -31.48 15.54 -8.75
CA ARG B 50 -31.02 15.61 -7.33
C ARG B 50 -30.82 14.17 -6.80
N GLY B 51 -31.16 13.13 -7.58
CA GLY B 51 -30.88 11.71 -7.27
C GLY B 51 -29.40 11.30 -7.37
N THR B 52 -29.01 10.28 -6.60
CA THR B 52 -27.71 9.57 -6.74
C THR B 52 -27.94 8.09 -7.03
N VAL B 53 -27.25 7.59 -8.06
CA VAL B 53 -27.15 6.15 -8.39
C VAL B 53 -26.13 5.52 -7.45
N ARG B 54 -26.52 4.45 -6.78
CA ARG B 54 -25.64 3.69 -5.86
C ARG B 54 -24.92 2.60 -6.66
N ILE B 55 -23.80 2.10 -6.14
CA ILE B 55 -22.96 1.12 -6.89
C ILE B 55 -23.73 -0.20 -7.07
N GLU B 56 -24.60 -0.56 -6.14
CA GLU B 56 -25.33 -1.85 -6.24
C GLU B 56 -26.43 -1.70 -7.29
N MET B 57 -26.82 -0.48 -7.66
CA MET B 57 -27.69 -0.20 -8.84
C MET B 57 -26.84 -0.28 -10.12
N PHE B 58 -25.62 0.25 -10.08
CA PHE B 58 -24.70 0.21 -11.23
C PHE B 58 -24.38 -1.25 -11.57
N ARG B 59 -24.27 -2.11 -10.57
CA ARG B 59 -23.77 -3.51 -10.73
C ARG B 59 -24.92 -4.47 -11.09
N ASN B 60 -26.17 -4.11 -10.78
CA ASN B 60 -27.33 -5.03 -10.93
C ASN B 60 -28.37 -4.53 -11.95
N MET B 61 -28.45 -3.24 -12.23
CA MET B 61 -29.55 -2.71 -13.10
C MET B 61 -29.02 -2.33 -14.48
N GLN B 62 -29.89 -2.47 -15.48
CA GLN B 62 -29.71 -1.92 -16.85
C GLN B 62 -30.02 -0.42 -16.81
N ASN B 63 -29.39 0.35 -17.72
CA ASN B 63 -29.45 1.84 -17.77
C ASN B 63 -30.91 2.30 -17.80
N ALA B 64 -31.75 1.60 -18.56
CA ALA B 64 -33.19 1.87 -18.65
C ALA B 64 -33.74 2.02 -17.22
N GLU B 65 -33.53 1.00 -16.39
CA GLU B 65 -34.04 0.98 -14.99
C GLU B 65 -33.39 2.12 -14.19
N ILE B 66 -32.08 2.33 -14.35
CA ILE B 66 -31.37 3.37 -13.57
C ILE B 66 -32.01 4.70 -13.95
N ILE B 67 -32.22 4.91 -15.25
CA ILE B 67 -32.71 6.23 -15.76
C ILE B 67 -34.16 6.43 -15.32
N ARG B 68 -34.97 5.36 -15.30
CA ARG B 68 -36.35 5.42 -14.75
C ARG B 68 -36.28 5.85 -13.27
N LYS B 69 -35.45 5.21 -12.46
CA LYS B 69 -35.36 5.49 -11.00
C LYS B 69 -34.91 6.95 -10.81
N MET B 70 -33.95 7.41 -11.63
CA MET B 70 -33.38 8.78 -11.49
C MET B 70 -34.36 9.82 -12.01
N THR B 71 -35.21 9.46 -12.97
CA THR B 71 -36.35 10.31 -13.43
C THR B 71 -37.18 10.77 -12.22
N GLU B 72 -37.46 9.89 -11.26
CA GLU B 72 -38.32 10.21 -10.07
C GLU B 72 -37.62 11.16 -9.10
N GLU B 73 -36.38 11.60 -9.35
CA GLU B 73 -35.55 12.36 -8.36
C GLU B 73 -35.20 13.78 -8.83
N PHE B 74 -36.13 14.47 -9.50
CA PHE B 74 -36.02 15.92 -9.86
C PHE B 74 -36.78 16.79 -8.86
N ASP B 75 -36.25 17.98 -8.57
CA ASP B 75 -36.96 19.00 -7.74
C ASP B 75 -38.18 19.46 -8.54
N GLU B 76 -39.35 18.87 -8.26
CA GLU B 76 -40.62 19.10 -9.01
C GLU B 76 -41.17 20.52 -8.74
N ASP B 77 -40.46 21.38 -7.99
CA ASP B 77 -40.82 22.81 -7.74
C ASP B 77 -39.74 23.75 -8.32
N SER B 78 -38.84 23.23 -9.15
CA SER B 78 -37.76 24.01 -9.82
C SER B 78 -37.56 23.48 -11.25
N GLY B 79 -37.38 24.38 -12.22
CA GLY B 79 -37.14 24.04 -13.64
C GLY B 79 -35.69 24.20 -14.06
N ASP B 80 -35.02 25.22 -13.50
CA ASP B 80 -33.67 25.73 -13.90
C ASP B 80 -32.63 24.60 -13.85
N TYR B 81 -32.44 23.84 -14.95
CA TYR B 81 -31.36 22.82 -15.05
C TYR B 81 -30.04 23.51 -15.40
N PRO B 82 -28.90 23.04 -14.82
CA PRO B 82 -27.64 23.79 -14.86
C PRO B 82 -27.28 24.28 -16.27
N LEU B 83 -27.38 23.43 -17.28
CA LEU B 83 -26.83 23.77 -18.61
C LEU B 83 -27.66 24.86 -19.27
N THR B 84 -28.82 25.21 -18.70
CA THR B 84 -29.73 26.28 -19.20
C THR B 84 -30.21 27.17 -18.05
N MET B 85 -29.30 27.56 -17.16
CA MET B 85 -29.59 28.59 -16.14
C MET B 85 -28.92 29.88 -16.58
N PRO B 86 -29.56 31.04 -16.33
CA PRO B 86 -28.95 32.33 -16.60
C PRO B 86 -27.93 32.56 -15.47
N GLY B 87 -26.80 33.16 -15.81
CA GLY B 87 -25.75 33.50 -14.84
C GLY B 87 -24.37 33.53 -15.49
N PRO B 88 -23.40 34.25 -14.88
CA PRO B 88 -22.00 34.15 -15.29
C PRO B 88 -21.37 32.89 -14.65
N GLN B 89 -21.69 32.63 -13.36
CA GLN B 89 -21.41 31.37 -12.64
C GLN B 89 -21.70 30.19 -13.58
N TRP B 90 -22.89 30.15 -14.15
CA TRP B 90 -23.43 29.00 -14.94
C TRP B 90 -22.93 28.98 -16.39
N LYS B 91 -22.65 30.12 -17.04
CA LYS B 91 -22.00 30.14 -18.38
C LYS B 91 -20.59 29.53 -18.22
N LYS B 92 -19.97 29.68 -17.04
CA LYS B 92 -18.61 29.13 -16.75
C LYS B 92 -18.76 27.64 -16.42
N PHE B 93 -19.89 27.24 -15.83
CA PHE B 93 -20.16 25.81 -15.59
C PHE B 93 -20.15 25.10 -16.96
N ARG B 94 -21.00 25.55 -17.87
CA ARG B 94 -21.16 24.95 -19.21
C ARG B 94 -19.79 24.87 -19.91
N SER B 95 -18.94 25.88 -19.74
CA SER B 95 -17.59 25.88 -20.37
C SER B 95 -16.80 24.72 -19.77
N ASN B 96 -16.86 24.59 -18.45
CA ASN B 96 -16.10 23.57 -17.69
C ASN B 96 -16.63 22.18 -18.04
N PHE B 97 -17.96 22.01 -18.06
CA PHE B 97 -18.62 20.72 -18.40
C PHE B 97 -18.07 20.20 -19.73
N CYS B 98 -18.02 21.09 -20.72
CA CYS B 98 -17.49 20.76 -22.05
C CYS B 98 -15.99 20.45 -21.92
N GLU B 99 -15.20 21.33 -21.27
CA GLU B 99 -13.72 21.15 -21.22
C GLU B 99 -13.41 19.87 -20.41
N PHE B 100 -14.18 19.62 -19.35
CA PHE B 100 -14.08 18.36 -18.57
C PHE B 100 -14.01 17.16 -19.53
N ILE B 101 -15.02 17.03 -20.39
CA ILE B 101 -15.14 15.88 -21.33
C ILE B 101 -13.96 15.90 -22.30
N GLY B 102 -13.59 17.07 -22.81
CA GLY B 102 -12.45 17.17 -23.74
C GLY B 102 -11.17 16.63 -23.12
N VAL B 103 -10.90 17.00 -21.88
CA VAL B 103 -9.64 16.68 -21.14
C VAL B 103 -9.68 15.22 -20.73
N LEU B 104 -10.80 14.78 -20.18
CA LEU B 104 -10.97 13.38 -19.75
C LEU B 104 -10.45 12.47 -20.85
N ILE B 105 -10.86 12.70 -22.10
CA ILE B 105 -10.64 11.74 -23.21
C ILE B 105 -9.18 11.87 -23.60
N ARG B 106 -8.71 13.10 -23.75
CA ARG B 106 -7.29 13.38 -24.07
C ARG B 106 -6.42 12.63 -23.06
N GLN B 107 -6.68 12.79 -21.76
CA GLN B 107 -5.80 12.23 -20.71
C GLN B 107 -5.90 10.70 -20.74
N CYS B 108 -7.01 10.14 -21.20
CA CYS B 108 -7.26 8.68 -21.21
C CYS B 108 -6.83 8.05 -22.52
N GLN B 109 -6.31 8.83 -23.49
CA GLN B 109 -6.34 8.46 -24.94
C GLN B 109 -5.33 7.37 -25.30
N TYR B 110 -4.35 7.04 -24.45
CA TYR B 110 -3.27 6.08 -24.80
C TYR B 110 -3.47 4.70 -24.14
N SER B 111 -4.35 4.54 -23.13
CA SER B 111 -4.62 3.23 -22.48
C SER B 111 -6.11 3.05 -22.11
N ILE B 112 -6.60 3.82 -21.12
CA ILE B 112 -7.95 3.69 -20.50
C ILE B 112 -9.06 3.62 -21.57
N ILE B 113 -9.02 4.46 -22.61
CA ILE B 113 -10.05 4.55 -23.69
C ILE B 113 -10.23 3.18 -24.37
N TYR B 114 -9.15 2.40 -24.46
CA TYR B 114 -9.10 1.11 -25.19
C TYR B 114 -9.41 -0.09 -24.29
N ASP B 115 -9.74 0.11 -23.01
CA ASP B 115 -9.92 -1.01 -22.03
C ASP B 115 -11.33 -1.64 -22.16
N GLU B 116 -12.12 -1.28 -23.16
CA GLU B 116 -13.42 -1.95 -23.47
C GLU B 116 -14.37 -1.93 -22.26
N TYR B 117 -14.18 -1.04 -21.30
CA TYR B 117 -15.04 -0.90 -20.11
C TYR B 117 -15.44 0.57 -19.95
N MET B 118 -14.45 1.46 -19.96
CA MET B 118 -14.65 2.90 -19.71
C MET B 118 -15.58 3.49 -20.76
N MET B 119 -15.22 3.42 -22.04
CA MET B 119 -15.99 4.10 -23.11
C MET B 119 -17.38 3.45 -23.27
N ASP B 120 -17.46 2.12 -23.32
CA ASP B 120 -18.76 1.38 -23.43
C ASP B 120 -19.70 1.89 -22.35
N THR B 121 -19.26 2.01 -21.10
CA THR B 121 -20.13 2.47 -19.97
C THR B 121 -20.66 3.89 -20.25
N VAL B 122 -19.76 4.83 -20.56
CA VAL B 122 -20.15 6.24 -20.87
C VAL B 122 -21.12 6.26 -22.07
N ILE B 123 -20.73 5.71 -23.24
CA ILE B 123 -21.50 5.81 -24.51
C ILE B 123 -22.89 5.19 -24.32
N SER B 124 -23.00 4.08 -23.57
CA SER B 124 -24.27 3.44 -23.16
C SER B 124 -25.11 4.41 -22.34
N LEU B 125 -24.52 5.00 -21.29
CA LEU B 125 -25.29 5.85 -20.36
C LEU B 125 -25.83 7.05 -21.14
N LEU B 126 -24.92 7.75 -21.83
CA LEU B 126 -25.23 8.94 -22.67
C LEU B 126 -26.29 8.57 -23.71
N THR B 127 -26.17 7.43 -24.40
CA THR B 127 -27.19 6.95 -25.38
C THR B 127 -28.54 6.80 -24.67
N GLY B 128 -28.57 6.10 -23.54
CA GLY B 128 -29.81 5.95 -22.75
C GLY B 128 -30.41 7.28 -22.40
N LEU B 129 -29.62 8.13 -21.75
CA LEU B 129 -30.10 9.48 -21.30
C LEU B 129 -30.61 10.28 -22.51
N SER B 130 -30.02 10.08 -23.71
CA SER B 130 -30.39 10.82 -24.95
C SER B 130 -31.75 10.36 -25.47
N ASP B 131 -32.16 9.11 -25.20
CA ASP B 131 -33.52 8.60 -25.56
C ASP B 131 -34.55 9.04 -24.51
N SER B 132 -34.11 9.53 -23.34
CA SER B 132 -35.02 9.88 -22.21
C SER B 132 -36.14 10.80 -22.68
N GLN B 133 -37.32 10.69 -22.07
CA GLN B 133 -38.41 11.64 -22.28
C GLN B 133 -38.17 12.86 -21.39
N VAL B 134 -37.08 12.92 -20.64
CA VAL B 134 -36.78 14.12 -19.79
C VAL B 134 -35.88 15.07 -20.59
N ARG B 135 -36.43 16.23 -20.91
CA ARG B 135 -35.71 17.31 -21.65
C ARG B 135 -34.30 17.45 -21.04
N ALA B 136 -34.18 17.47 -19.71
CA ALA B 136 -32.89 17.68 -19.02
C ALA B 136 -31.89 16.59 -19.42
N PHE B 137 -32.31 15.33 -19.44
CA PHE B 137 -31.40 14.19 -19.71
C PHE B 137 -30.92 14.27 -21.16
N ARG B 138 -31.80 14.65 -22.07
CA ARG B 138 -31.48 14.65 -23.53
C ARG B 138 -30.48 15.76 -23.79
N HIS B 139 -30.80 16.95 -23.33
CA HIS B 139 -29.96 18.16 -23.52
C HIS B 139 -28.54 17.83 -23.03
N THR B 140 -28.45 17.36 -21.79
CA THR B 140 -27.18 17.12 -21.07
C THR B 140 -26.45 15.98 -21.77
N SER B 141 -27.15 14.89 -22.03
CA SER B 141 -26.51 13.71 -22.64
C SER B 141 -26.03 14.09 -24.04
N THR B 142 -26.78 14.94 -24.74
CA THR B 142 -26.49 15.22 -26.17
C THR B 142 -25.28 16.14 -26.24
N LEU B 143 -25.28 17.24 -25.49
CA LEU B 143 -24.08 18.11 -25.40
C LEU B 143 -22.84 17.30 -25.03
N ALA B 144 -23.00 16.33 -24.12
CA ALA B 144 -21.88 15.50 -23.66
C ALA B 144 -21.41 14.63 -24.80
N ALA B 145 -22.35 13.93 -25.43
CA ALA B 145 -22.08 12.98 -26.53
C ALA B 145 -21.35 13.73 -27.65
N MET B 146 -21.76 14.97 -27.88
CA MET B 146 -21.22 15.82 -28.97
C MET B 146 -19.77 16.21 -28.65
N LYS B 147 -19.45 16.54 -27.39
CA LYS B 147 -18.05 16.88 -27.02
C LYS B 147 -17.24 15.58 -26.99
N LEU B 148 -17.85 14.47 -26.58
CA LEU B 148 -17.19 13.14 -26.58
C LEU B 148 -16.72 12.82 -28.01
N MET B 149 -17.64 12.92 -28.95
CA MET B 149 -17.34 12.71 -30.39
C MET B 149 -16.16 13.59 -30.81
N THR B 150 -16.21 14.88 -30.48
CA THR B 150 -15.13 15.82 -30.87
C THR B 150 -13.80 15.30 -30.29
N ALA B 151 -13.76 14.93 -29.02
CA ALA B 151 -12.50 14.38 -28.42
C ALA B 151 -12.12 13.09 -29.15
N LEU B 152 -13.06 12.18 -29.48
CA LEU B 152 -12.69 10.92 -30.18
C LEU B 152 -12.10 11.26 -31.55
N VAL B 153 -12.55 12.35 -32.15
CA VAL B 153 -12.03 12.76 -33.48
C VAL B 153 -10.58 13.21 -33.28
N ASN B 154 -10.29 13.98 -32.22
CA ASN B 154 -8.92 14.50 -31.95
C ASN B 154 -7.98 13.32 -31.73
N VAL B 155 -8.48 12.25 -31.10
CA VAL B 155 -7.73 10.98 -30.84
C VAL B 155 -7.40 10.34 -32.19
N ALA B 156 -8.38 10.26 -33.09
CA ALA B 156 -8.23 9.68 -34.45
C ALA B 156 -7.20 10.48 -35.25
N LEU B 157 -7.15 11.79 -35.03
CA LEU B 157 -6.17 12.68 -35.70
C LEU B 157 -4.78 12.41 -35.13
N ASN B 158 -4.66 12.37 -33.81
CA ASN B 158 -3.39 12.00 -33.12
C ASN B 158 -2.90 10.65 -33.66
N LEU B 159 -3.79 9.65 -33.83
CA LEU B 159 -3.43 8.30 -34.32
C LEU B 159 -2.90 8.37 -35.75
N SER B 160 -3.51 9.20 -36.59
CA SER B 160 -3.10 9.32 -38.03
C SER B 160 -1.73 9.99 -38.09
N ILE B 161 -1.44 10.96 -37.21
CA ILE B 161 -0.06 11.50 -37.06
C ILE B 161 0.87 10.34 -36.65
N HIS B 162 0.59 9.65 -35.54
CA HIS B 162 1.44 8.52 -35.04
C HIS B 162 1.62 7.50 -36.17
N GLN B 163 0.62 7.31 -37.03
CA GLN B 163 0.66 6.29 -38.13
C GLN B 163 1.71 6.71 -39.17
N ASP B 164 1.78 8.01 -39.49
CA ASP B 164 2.78 8.61 -40.42
C ASP B 164 4.18 8.62 -39.78
N ASN B 165 4.28 8.88 -38.47
CA ASN B 165 5.58 8.86 -37.74
C ASN B 165 6.10 7.42 -37.63
N THR B 166 5.20 6.42 -37.67
CA THR B 166 5.55 4.98 -37.66
C THR B 166 5.90 4.55 -39.09
N GLN B 167 5.26 5.12 -40.12
CA GLN B 167 5.59 4.86 -41.55
C GLN B 167 7.05 5.29 -41.82
N ARG B 168 7.38 6.57 -41.58
CA ARG B 168 8.75 7.13 -41.71
C ARG B 168 9.69 6.33 -40.78
N GLN B 169 9.41 6.27 -39.46
CA GLN B 169 10.29 5.65 -38.41
C GLN B 169 10.71 4.21 -38.78
N TYR B 170 10.01 3.52 -39.71
CA TYR B 170 10.43 2.22 -40.30
C TYR B 170 11.40 2.46 -41.47
N GLU B 171 10.93 3.05 -42.58
CA GLU B 171 11.73 3.32 -43.82
C GLU B 171 13.10 3.93 -43.47
N LEU B 189 8.89 -3.17 -35.05
CA LEU B 189 8.01 -1.96 -35.16
C LEU B 189 6.98 -2.12 -36.29
N LEU B 190 6.99 -3.19 -37.10
CA LEU B 190 5.85 -3.48 -38.02
C LEU B 190 4.64 -3.96 -37.21
N GLN B 191 4.84 -4.30 -35.94
CA GLN B 191 3.76 -4.54 -34.94
C GLN B 191 3.02 -3.22 -34.68
N LYS B 192 3.73 -2.09 -34.54
CA LYS B 192 3.12 -0.77 -34.21
C LYS B 192 2.31 -0.22 -35.40
N ARG B 193 2.66 -0.53 -36.65
CA ARG B 193 1.83 -0.13 -37.83
C ARG B 193 0.39 -0.62 -37.60
N LYS B 194 0.18 -1.85 -37.13
CA LYS B 194 -1.14 -2.54 -37.08
C LYS B 194 -1.82 -2.38 -35.71
N GLU B 195 -1.06 -2.14 -34.63
CA GLU B 195 -1.64 -1.81 -33.30
C GLU B 195 -2.30 -0.43 -33.41
N LEU B 196 -1.63 0.54 -34.04
CA LEU B 196 -2.17 1.89 -34.31
C LEU B 196 -3.42 1.77 -35.20
N GLN B 197 -3.43 0.85 -36.17
CA GLN B 197 -4.62 0.62 -37.04
C GLN B 197 -5.77 0.07 -36.19
N GLU B 198 -5.50 -0.95 -35.36
CA GLU B 198 -6.49 -1.58 -34.45
C GLU B 198 -7.08 -0.54 -33.48
N ASN B 199 -6.28 0.46 -33.09
CA ASN B 199 -6.71 1.62 -32.27
C ASN B 199 -7.69 2.47 -33.09
N GLN B 200 -7.28 2.90 -34.30
CA GLN B 200 -8.11 3.73 -35.23
C GLN B 200 -9.46 3.04 -35.42
N ASP B 201 -9.43 1.72 -35.64
CA ASP B 201 -10.62 0.86 -35.86
C ASP B 201 -11.52 0.91 -34.61
N GLU B 202 -10.94 0.81 -33.42
CA GLU B 202 -11.67 0.82 -32.13
C GLU B 202 -12.34 2.21 -32.00
N ILE B 203 -11.60 3.29 -32.21
CA ILE B 203 -12.10 4.69 -32.08
C ILE B 203 -13.27 4.87 -33.06
N GLU B 204 -13.04 4.54 -34.34
CA GLU B 204 -14.08 4.70 -35.39
C GLU B 204 -15.33 3.95 -34.92
N ASN B 205 -15.20 2.81 -34.22
CA ASN B 205 -16.41 2.11 -33.69
C ASN B 205 -17.13 3.02 -32.70
N MET B 206 -16.42 3.59 -31.73
CA MET B 206 -17.05 4.46 -30.70
C MET B 206 -17.72 5.67 -31.38
N MET B 207 -17.06 6.24 -32.39
CA MET B 207 -17.57 7.42 -33.13
C MET B 207 -18.86 7.04 -33.84
N ASN B 208 -18.96 5.82 -34.39
CA ASN B 208 -20.19 5.30 -35.04
C ASN B 208 -21.30 5.14 -34.01
N SER B 209 -21.00 4.59 -32.83
CA SER B 209 -22.00 4.36 -31.76
C SER B 209 -22.68 5.68 -31.43
N ILE B 210 -21.86 6.72 -31.25
CA ILE B 210 -22.32 8.07 -30.80
C ILE B 210 -23.15 8.71 -31.93
N PHE B 211 -22.66 8.58 -33.17
CA PHE B 211 -23.29 9.15 -34.39
C PHE B 211 -24.64 8.49 -34.65
N LYS B 212 -24.67 7.15 -34.62
CA LYS B 212 -25.87 6.35 -34.99
C LYS B 212 -26.84 6.27 -33.81
N GLY B 213 -26.35 6.22 -32.57
CA GLY B 213 -27.20 6.07 -31.36
C GLY B 213 -27.76 7.39 -30.86
N ILE B 214 -27.06 8.48 -31.14
CA ILE B 214 -27.39 9.78 -30.51
C ILE B 214 -27.59 10.83 -31.58
N PHE B 215 -26.58 11.06 -32.42
CA PHE B 215 -26.59 12.24 -33.33
C PHE B 215 -27.80 12.18 -34.26
N VAL B 216 -28.06 11.03 -34.87
CA VAL B 216 -29.06 10.96 -35.98
C VAL B 216 -30.47 11.12 -35.41
N HIS B 217 -30.66 10.86 -34.12
CA HIS B 217 -32.00 11.05 -33.48
C HIS B 217 -32.10 12.47 -32.91
N ARG B 218 -30.97 13.04 -32.49
CA ARG B 218 -30.97 14.26 -31.65
C ARG B 218 -30.89 15.51 -32.52
N TYR B 219 -30.48 15.39 -33.77
CA TYR B 219 -30.37 16.57 -34.67
C TYR B 219 -31.78 16.93 -35.13
N ARG B 220 -32.73 16.01 -34.96
CA ARG B 220 -34.17 16.24 -35.23
C ARG B 220 -34.91 16.34 -33.89
N ASP B 221 -34.22 16.54 -32.78
CA ASP B 221 -34.87 16.68 -31.46
C ASP B 221 -36.02 17.68 -31.59
N ALA B 222 -37.04 17.55 -30.76
CA ALA B 222 -38.12 18.55 -30.63
C ALA B 222 -37.57 19.87 -30.11
N ILE B 223 -36.51 19.87 -29.32
CA ILE B 223 -36.02 21.12 -28.68
C ILE B 223 -35.00 21.75 -29.60
N ALA B 224 -35.07 23.06 -29.79
CA ALA B 224 -34.18 23.80 -30.70
C ALA B 224 -32.76 23.86 -30.11
N GLU B 225 -32.58 23.97 -28.80
CA GLU B 225 -31.18 24.05 -28.34
C GLU B 225 -30.49 22.73 -28.66
N ILE B 226 -31.22 21.62 -28.71
CA ILE B 226 -30.58 20.29 -28.91
C ILE B 226 -30.15 20.17 -30.38
N ARG B 227 -31.00 20.61 -31.29
CA ARG B 227 -30.71 20.58 -32.76
C ARG B 227 -29.48 21.46 -33.00
N ALA B 228 -29.48 22.64 -32.39
CA ALA B 228 -28.38 23.61 -32.53
C ALA B 228 -27.08 22.94 -32.10
N ILE B 229 -27.12 22.17 -31.01
CA ILE B 229 -25.90 21.54 -30.41
C ILE B 229 -25.37 20.50 -31.38
N CYS B 230 -26.27 19.72 -31.99
CA CYS B 230 -25.88 18.68 -32.97
C CYS B 230 -25.25 19.34 -34.20
N ILE B 231 -25.90 20.37 -34.71
CA ILE B 231 -25.48 21.01 -35.99
C ILE B 231 -24.11 21.63 -35.74
N GLU B 232 -23.98 22.42 -34.68
CA GLU B 232 -22.71 23.12 -34.40
C GLU B 232 -21.60 22.10 -34.50
N GLU B 233 -21.79 20.94 -33.86
CA GLU B 233 -20.65 20.02 -33.59
C GLU B 233 -20.31 19.27 -34.87
N ILE B 234 -21.29 18.82 -35.67
CA ILE B 234 -20.99 18.12 -36.96
C ILE B 234 -20.18 19.07 -37.87
N GLY B 235 -20.45 20.37 -37.78
CA GLY B 235 -19.63 21.40 -38.42
C GLY B 235 -18.17 21.27 -38.01
N VAL B 236 -17.95 21.19 -36.71
CA VAL B 236 -16.61 21.06 -36.10
C VAL B 236 -15.92 19.78 -36.60
N TRP B 237 -16.64 18.66 -36.76
CA TRP B 237 -15.95 17.40 -37.12
C TRP B 237 -15.54 17.49 -38.58
N MET B 238 -16.38 18.13 -39.39
CA MET B 238 -16.14 18.18 -40.85
C MET B 238 -14.97 19.11 -41.11
N LYS B 239 -14.81 20.15 -40.29
CA LYS B 239 -13.71 21.12 -40.44
C LYS B 239 -12.42 20.48 -39.95
N MET B 240 -12.46 19.88 -38.76
CA MET B 240 -11.24 19.43 -38.03
C MET B 240 -10.67 18.14 -38.64
N TYR B 241 -11.45 17.37 -39.40
CA TYR B 241 -11.02 16.07 -39.99
C TYR B 241 -11.77 15.84 -41.30
N SER B 242 -11.47 16.69 -42.29
CA SER B 242 -12.10 16.74 -43.64
C SER B 242 -12.06 15.37 -44.32
N ASP B 243 -10.92 14.69 -44.23
CA ASP B 243 -10.68 13.40 -44.95
C ASP B 243 -11.75 12.39 -44.50
N ALA B 244 -12.23 12.45 -43.26
CA ALA B 244 -13.09 11.41 -42.66
C ALA B 244 -14.57 11.82 -42.67
N PHE B 245 -14.87 13.12 -42.53
CA PHE B 245 -16.24 13.64 -42.21
C PHE B 245 -16.79 14.61 -43.27
N LEU B 246 -15.93 15.28 -44.06
CA LEU B 246 -16.38 16.21 -45.13
C LEU B 246 -16.72 15.38 -46.36
N ASN B 247 -17.93 14.85 -46.36
CA ASN B 247 -18.49 14.12 -47.50
C ASN B 247 -20.02 14.23 -47.43
N ASP B 248 -20.69 13.71 -48.46
CA ASP B 248 -22.11 13.99 -48.73
C ASP B 248 -22.98 13.31 -47.67
N SER B 249 -22.48 12.25 -47.04
CA SER B 249 -23.23 11.48 -46.02
C SER B 249 -23.28 12.25 -44.68
N TYR B 250 -22.33 13.13 -44.39
CA TYR B 250 -22.37 13.98 -43.17
C TYR B 250 -23.00 15.32 -43.51
N LEU B 251 -22.62 15.91 -44.64
CA LEU B 251 -23.12 17.23 -45.08
C LEU B 251 -24.66 17.26 -45.09
N LYS B 252 -25.31 16.17 -45.50
CA LYS B 252 -26.78 16.15 -45.71
C LYS B 252 -27.52 16.61 -44.42
N TYR B 253 -27.07 16.18 -43.25
CA TYR B 253 -27.75 16.51 -41.97
C TYR B 253 -27.74 18.02 -41.72
N VAL B 254 -26.71 18.69 -42.20
CA VAL B 254 -26.65 20.17 -42.13
C VAL B 254 -27.64 20.71 -43.17
N GLY B 255 -27.51 20.29 -44.44
CA GLY B 255 -28.38 20.71 -45.56
C GLY B 255 -29.86 20.48 -45.23
N TRP B 256 -30.17 19.34 -44.61
CA TRP B 256 -31.55 18.94 -44.25
C TRP B 256 -32.12 19.82 -43.14
N THR B 257 -31.27 20.61 -42.48
CA THR B 257 -31.61 21.38 -41.26
C THR B 257 -31.66 22.87 -41.58
N LEU B 258 -31.33 23.23 -42.82
CA LEU B 258 -31.16 24.63 -43.26
C LEU B 258 -32.46 25.40 -43.04
N HIS B 259 -33.63 24.79 -43.21
CA HIS B 259 -34.95 25.47 -43.10
C HIS B 259 -35.64 25.06 -41.79
N ASP B 260 -34.87 24.76 -40.74
CA ASP B 260 -35.40 24.59 -39.38
C ASP B 260 -36.42 25.71 -39.10
N ARG B 261 -37.52 25.38 -38.43
CA ARG B 261 -38.49 26.38 -37.89
C ARG B 261 -37.72 27.47 -37.11
N GLN B 262 -36.64 27.14 -36.41
CA GLN B 262 -36.04 28.10 -35.44
C GLN B 262 -34.77 28.71 -36.02
N GLY B 263 -34.66 30.04 -35.91
CA GLY B 263 -33.60 30.89 -36.52
C GLY B 263 -32.22 30.65 -35.92
N GLU B 264 -32.11 30.26 -34.64
CA GLU B 264 -30.80 29.94 -34.01
C GLU B 264 -30.22 28.72 -34.74
N VAL B 265 -31.08 27.76 -35.12
CA VAL B 265 -30.66 26.50 -35.80
C VAL B 265 -30.14 26.84 -37.21
N ARG B 266 -30.93 27.59 -37.96
CA ARG B 266 -30.57 28.01 -39.33
C ARG B 266 -29.19 28.66 -39.26
N LEU B 267 -29.02 29.59 -38.32
CA LEU B 267 -27.73 30.28 -38.06
C LEU B 267 -26.62 29.25 -37.90
N LYS B 268 -26.81 28.25 -37.06
CA LYS B 268 -25.74 27.24 -36.78
C LYS B 268 -25.34 26.57 -38.09
N CYS B 269 -26.32 26.11 -38.88
CA CYS B 269 -26.05 25.40 -40.16
C CYS B 269 -25.20 26.31 -41.06
N LEU B 270 -25.64 27.57 -41.21
CA LEU B 270 -24.95 28.57 -42.06
C LEU B 270 -23.52 28.76 -41.53
N LYS B 271 -23.36 28.90 -40.20
CA LYS B 271 -22.02 29.09 -39.58
C LYS B 271 -21.15 27.86 -39.84
N ALA B 272 -21.76 26.67 -39.86
CA ALA B 272 -21.05 25.38 -40.05
C ALA B 272 -20.57 25.31 -41.50
N LEU B 273 -21.40 25.72 -42.46
CA LEU B 273 -21.05 25.67 -43.89
C LEU B 273 -20.07 26.82 -44.20
N GLN B 274 -20.30 28.00 -43.65
CA GLN B 274 -19.38 29.15 -43.82
C GLN B 274 -17.93 28.65 -43.55
N SER B 275 -17.73 27.86 -42.49
CA SER B 275 -16.38 27.54 -41.93
C SER B 275 -15.64 26.54 -42.83
N LEU B 276 -16.38 25.84 -43.70
CA LEU B 276 -15.81 24.84 -44.67
C LEU B 276 -15.54 25.52 -46.01
N TYR B 277 -16.51 26.26 -46.53
CA TYR B 277 -16.42 26.95 -47.84
C TYR B 277 -15.30 27.99 -47.77
N THR B 278 -15.04 28.54 -46.57
CA THR B 278 -14.00 29.57 -46.32
C THR B 278 -12.63 29.04 -46.72
N ASN B 279 -12.43 27.72 -46.68
CA ASN B 279 -11.19 27.06 -47.17
C ASN B 279 -11.41 26.64 -48.64
N ARG B 280 -10.80 27.38 -49.57
CA ARG B 280 -10.91 27.16 -51.04
C ARG B 280 -10.33 25.77 -51.37
N GLU B 281 -9.46 25.19 -50.53
CA GLU B 281 -8.87 23.84 -50.70
C GLU B 281 -9.94 22.75 -50.56
N LEU B 282 -11.07 23.03 -49.87
CA LEU B 282 -12.14 22.03 -49.53
C LEU B 282 -13.23 21.99 -50.61
N PHE B 283 -13.18 22.87 -51.60
CA PHE B 283 -14.30 23.06 -52.55
C PHE B 283 -14.69 21.78 -53.26
N PRO B 284 -13.71 20.98 -53.75
CA PRO B 284 -14.00 19.71 -54.42
C PRO B 284 -14.99 18.87 -53.63
N LYS B 285 -14.72 18.69 -52.33
CA LYS B 285 -15.54 17.87 -51.39
C LYS B 285 -16.91 18.53 -51.17
N LEU B 286 -17.01 19.86 -51.31
CA LEU B 286 -18.30 20.59 -51.17
C LEU B 286 -19.10 20.58 -52.50
N GLU B 287 -18.52 20.20 -53.65
CA GLU B 287 -19.08 20.56 -54.99
C GLU B 287 -20.46 19.91 -55.23
N LEU B 288 -20.57 18.60 -55.01
CA LEU B 288 -21.87 17.89 -55.14
C LEU B 288 -22.91 18.49 -54.17
N PHE B 289 -22.56 18.65 -52.90
CA PHE B 289 -23.45 19.28 -51.89
C PHE B 289 -23.98 20.62 -52.40
N THR B 290 -23.10 21.49 -52.94
CA THR B 290 -23.49 22.86 -53.40
C THR B 290 -24.62 22.76 -54.46
N ASN B 291 -24.53 21.81 -55.39
CA ASN B 291 -25.56 21.61 -56.44
C ASN B 291 -26.84 21.06 -55.79
N ARG B 292 -26.70 19.98 -55.02
CA ARG B 292 -27.86 19.28 -54.40
C ARG B 292 -28.70 20.27 -53.58
N PHE B 293 -28.06 21.22 -52.91
CA PHE B 293 -28.71 22.09 -51.90
C PHE B 293 -28.73 23.55 -52.35
N LYS B 294 -28.27 23.85 -53.57
CA LYS B 294 -28.21 25.24 -54.08
C LYS B 294 -29.55 25.95 -53.78
N ASP B 295 -30.70 25.38 -54.15
CA ASP B 295 -31.99 26.13 -53.99
C ASP B 295 -32.24 26.46 -52.53
N ARG B 296 -31.88 25.52 -51.64
CA ARG B 296 -32.22 25.53 -50.19
C ARG B 296 -31.30 26.51 -49.46
N ILE B 297 -30.10 26.69 -50.00
CA ILE B 297 -29.07 27.58 -49.39
C ILE B 297 -29.47 29.02 -49.70
N VAL B 298 -29.60 29.26 -51.00
CA VAL B 298 -29.78 30.54 -51.74
C VAL B 298 -31.12 31.22 -51.31
N SER B 299 -32.20 30.46 -51.20
CA SER B 299 -33.51 30.98 -50.70
C SER B 299 -33.32 31.70 -49.36
N MET B 300 -32.30 31.32 -48.59
CA MET B 300 -32.11 31.80 -47.21
C MET B 300 -31.53 33.22 -47.23
N THR B 301 -31.10 33.76 -48.38
CA THR B 301 -30.47 35.10 -48.45
C THR B 301 -31.55 36.16 -48.22
N LEU B 302 -32.83 35.77 -48.31
CA LEU B 302 -33.96 36.65 -47.93
C LEU B 302 -34.76 35.98 -46.80
N ASP B 303 -34.07 35.38 -45.83
CA ASP B 303 -34.73 34.68 -44.68
C ASP B 303 -35.57 35.72 -43.93
N LYS B 304 -36.67 35.30 -43.31
CA LYS B 304 -37.54 36.22 -42.51
C LYS B 304 -36.71 36.78 -41.36
N GLU B 305 -35.78 36.02 -40.79
CA GLU B 305 -34.85 36.53 -39.76
C GLU B 305 -33.71 37.27 -40.46
N TYR B 306 -33.45 38.52 -40.05
CA TYR B 306 -32.42 39.41 -40.64
C TYR B 306 -31.02 38.80 -40.47
N ASP B 307 -30.68 38.29 -39.28
CA ASP B 307 -29.31 37.78 -38.99
C ASP B 307 -29.08 36.49 -39.78
N VAL B 308 -30.13 35.71 -39.98
CA VAL B 308 -30.00 34.49 -40.81
C VAL B 308 -29.60 34.95 -42.21
N ALA B 309 -30.39 35.88 -42.75
CA ALA B 309 -30.27 36.42 -44.13
C ALA B 309 -28.87 36.98 -44.34
N VAL B 310 -28.35 37.76 -43.38
CA VAL B 310 -26.97 38.32 -43.50
C VAL B 310 -25.97 37.16 -43.67
N GLU B 311 -26.11 36.13 -42.83
CA GLU B 311 -25.18 34.96 -42.77
C GLU B 311 -25.33 34.11 -44.04
N ALA B 312 -26.55 34.02 -44.57
CA ALA B 312 -26.81 33.32 -45.84
C ALA B 312 -26.12 34.08 -46.97
N ILE B 313 -26.17 35.41 -46.94
CA ILE B 313 -25.56 36.26 -48.00
C ILE B 313 -24.04 36.05 -47.99
N ARG B 314 -23.43 36.10 -46.79
CA ARG B 314 -21.98 35.87 -46.58
C ARG B 314 -21.61 34.49 -47.12
N LEU B 315 -22.43 33.48 -46.79
CA LEU B 315 -22.22 32.06 -47.20
C LEU B 315 -22.21 32.00 -48.73
N VAL B 316 -23.17 32.67 -49.35
CA VAL B 316 -23.30 32.59 -50.83
C VAL B 316 -22.13 33.33 -51.48
N THR B 317 -21.65 34.46 -50.92
CA THR B 317 -20.45 35.11 -51.52
C THR B 317 -19.24 34.18 -51.29
N LEU B 318 -19.20 33.41 -50.21
CA LEU B 318 -18.08 32.45 -50.02
C LEU B 318 -18.12 31.38 -51.11
N ILE B 319 -19.29 30.78 -51.31
CA ILE B 319 -19.46 29.72 -52.34
C ILE B 319 -19.03 30.28 -53.70
N LEU B 320 -19.46 31.50 -54.04
CA LEU B 320 -19.18 32.10 -55.38
C LEU B 320 -17.66 32.27 -55.51
N HIS B 321 -17.05 32.94 -54.53
CA HIS B 321 -15.59 33.28 -54.51
C HIS B 321 -14.80 31.96 -54.63
N GLY B 322 -15.37 30.86 -54.17
CA GLY B 322 -14.77 29.51 -54.28
C GLY B 322 -14.30 29.13 -55.67
N SER B 323 -15.04 29.49 -56.74
CA SER B 323 -14.76 29.05 -58.14
C SER B 323 -13.53 29.76 -58.73
N GLY C 4 -12.13 8.36 7.94
CA GLY C 4 -11.43 9.58 8.53
C GLY C 4 -9.93 9.37 8.76
N THR C 5 -9.36 9.95 9.82
CA THR C 5 -7.90 9.95 10.08
C THR C 5 -7.44 8.51 10.35
N LEU C 6 -6.17 8.21 10.09
CA LEU C 6 -5.51 6.91 10.41
C LEU C 6 -5.88 6.54 11.85
N PHE C 7 -5.77 7.50 12.76
CA PHE C 7 -6.01 7.31 14.20
C PHE C 7 -7.43 6.80 14.37
N GLU C 8 -8.42 7.45 13.77
CA GLU C 8 -9.86 7.07 13.91
C GLU C 8 -10.07 5.63 13.41
N VAL C 9 -9.46 5.29 12.28
CA VAL C 9 -9.65 3.98 11.59
C VAL C 9 -8.94 2.90 12.43
N VAL C 10 -7.77 3.18 12.95
CA VAL C 10 -7.02 2.20 13.79
C VAL C 10 -7.81 1.97 15.09
N LYS C 11 -8.25 3.02 15.76
CA LYS C 11 -9.04 2.96 17.02
C LYS C 11 -10.28 2.09 16.80
N LEU C 12 -11.00 2.32 15.70
CA LEU C 12 -12.21 1.55 15.29
C LEU C 12 -11.81 0.34 14.43
N GLY C 13 -11.25 -0.71 15.03
CA GLY C 13 -10.66 -1.88 14.33
C GLY C 13 -11.66 -2.69 13.49
N LYS C 14 -12.08 -2.15 12.34
CA LYS C 14 -13.18 -2.67 11.51
C LYS C 14 -12.63 -3.42 10.28
N SER C 15 -12.91 -4.72 10.19
CA SER C 15 -12.48 -5.61 9.07
C SER C 15 -13.20 -5.21 7.77
N ALA C 16 -12.69 -5.69 6.64
CA ALA C 16 -13.31 -5.50 5.29
C ALA C 16 -14.75 -6.02 5.36
N MET C 17 -14.97 -7.12 6.07
CA MET C 17 -16.26 -7.85 6.11
C MET C 17 -17.26 -7.09 6.99
N GLN C 18 -16.86 -6.66 8.18
CA GLN C 18 -17.65 -5.74 9.03
C GLN C 18 -18.07 -4.53 8.18
N SER C 19 -17.20 -4.04 7.29
CA SER C 19 -17.47 -2.86 6.44
C SER C 19 -18.50 -3.21 5.37
N VAL C 20 -18.31 -4.35 4.71
CA VAL C 20 -19.16 -4.74 3.55
C VAL C 20 -20.53 -5.12 4.11
N VAL C 21 -20.57 -5.60 5.37
CA VAL C 21 -21.83 -5.90 6.11
C VAL C 21 -22.48 -4.57 6.49
N ASP C 22 -21.70 -3.60 6.96
CA ASP C 22 -22.26 -2.25 7.24
C ASP C 22 -22.85 -1.74 5.91
N ASP C 23 -22.16 -1.95 4.79
CA ASP C 23 -22.58 -1.40 3.46
C ASP C 23 -23.80 -2.17 2.95
N TRP C 24 -23.83 -3.48 3.18
CA TRP C 24 -24.96 -4.33 2.78
C TRP C 24 -26.21 -3.93 3.55
N ILE C 25 -26.08 -3.69 4.86
CA ILE C 25 -27.22 -3.24 5.71
C ILE C 25 -27.68 -1.89 5.17
N GLU C 26 -26.77 -1.01 4.77
CA GLU C 26 -27.14 0.32 4.20
C GLU C 26 -27.98 0.11 2.93
N SER C 27 -27.45 -0.67 1.99
CA SER C 27 -28.06 -1.04 0.69
C SER C 27 -29.45 -1.68 0.90
N TYR C 28 -29.61 -2.53 1.92
CA TYR C 28 -30.89 -3.21 2.31
C TYR C 28 -31.93 -2.15 2.73
N LYS C 29 -31.48 -1.04 3.32
CA LYS C 29 -32.40 0.03 3.79
C LYS C 29 -32.86 0.90 2.62
N GLN C 30 -32.13 0.85 1.49
CA GLN C 30 -32.49 1.55 0.22
C GLN C 30 -33.41 0.63 -0.61
N ASP C 31 -32.88 -0.49 -1.11
CA ASP C 31 -33.65 -1.50 -1.87
C ASP C 31 -33.35 -2.88 -1.26
N ARG C 32 -34.35 -3.52 -0.65
CA ARG C 32 -34.23 -4.88 -0.04
C ARG C 32 -33.91 -5.89 -1.13
N ASP C 33 -34.52 -5.74 -2.31
CA ASP C 33 -34.43 -6.74 -3.42
C ASP C 33 -33.02 -6.73 -4.02
N ILE C 34 -32.42 -5.56 -4.16
CA ILE C 34 -31.04 -5.45 -4.72
C ILE C 34 -30.10 -6.12 -3.72
N ALA C 35 -30.22 -5.72 -2.45
CA ALA C 35 -29.43 -6.26 -1.31
C ALA C 35 -29.62 -7.77 -1.23
N LEU C 36 -30.86 -8.27 -1.30
CA LEU C 36 -31.07 -9.74 -1.26
C LEU C 36 -30.46 -10.39 -2.49
N LEU C 37 -30.64 -9.78 -3.66
CA LEU C 37 -30.03 -10.31 -4.89
C LEU C 37 -28.51 -10.44 -4.66
N ASP C 38 -27.85 -9.38 -4.16
CA ASP C 38 -26.40 -9.36 -3.85
C ASP C 38 -26.09 -10.55 -2.90
N LEU C 39 -26.90 -10.71 -1.84
CA LEU C 39 -26.71 -11.79 -0.82
C LEU C 39 -26.90 -13.16 -1.49
N ILE C 40 -27.92 -13.33 -2.33
CA ILE C 40 -28.18 -14.61 -3.05
C ILE C 40 -26.94 -14.91 -3.92
N ASN C 41 -26.49 -13.96 -4.73
CA ASN C 41 -25.36 -14.15 -5.68
C ASN C 41 -24.07 -14.43 -4.88
N PHE C 42 -23.94 -13.89 -3.66
CA PHE C 42 -22.83 -14.25 -2.75
C PHE C 42 -22.78 -15.77 -2.54
N PHE C 43 -23.86 -16.35 -2.01
CA PHE C 43 -23.92 -17.78 -1.62
C PHE C 43 -23.67 -18.66 -2.85
N ILE C 44 -24.29 -18.29 -3.97
CA ILE C 44 -24.19 -19.01 -5.27
C ILE C 44 -22.73 -18.97 -5.70
N GLN C 45 -22.14 -17.77 -5.72
CA GLN C 45 -20.73 -17.56 -6.09
C GLN C 45 -19.84 -18.40 -5.16
N CYS C 46 -20.05 -18.35 -3.84
CA CYS C 46 -19.30 -19.16 -2.82
C CYS C 46 -19.44 -20.65 -3.12
N SER C 47 -20.57 -21.10 -3.65
CA SER C 47 -20.80 -22.50 -4.04
C SER C 47 -19.88 -22.89 -5.22
N GLY C 48 -19.21 -21.93 -5.88
CA GLY C 48 -18.34 -22.21 -7.03
C GLY C 48 -19.08 -22.09 -8.36
N CYS C 49 -20.26 -21.48 -8.40
CA CYS C 49 -20.97 -21.09 -9.64
C CYS C 49 -20.28 -19.90 -10.31
N ARG C 50 -19.82 -20.09 -11.55
CA ARG C 50 -19.34 -18.97 -12.42
C ARG C 50 -20.52 -18.02 -12.69
N GLY C 51 -21.77 -18.44 -12.40
CA GLY C 51 -23.04 -17.74 -12.73
C GLY C 51 -23.43 -16.61 -11.79
N THR C 52 -24.50 -15.91 -12.17
CA THR C 52 -25.08 -14.74 -11.46
C THR C 52 -26.59 -14.65 -11.75
N VAL C 53 -27.41 -14.37 -10.74
CA VAL C 53 -28.87 -14.09 -10.88
C VAL C 53 -29.06 -12.60 -11.23
N ARG C 54 -29.63 -12.29 -12.40
CA ARG C 54 -29.97 -10.89 -12.81
C ARG C 54 -31.20 -10.43 -12.00
N ILE C 55 -31.34 -9.13 -11.71
CA ILE C 55 -32.41 -8.56 -10.84
C ILE C 55 -33.79 -9.03 -11.31
N GLU C 56 -34.01 -9.11 -12.63
CA GLU C 56 -35.34 -9.36 -13.28
C GLU C 56 -35.67 -10.88 -13.27
N MET C 57 -34.72 -11.76 -12.93
CA MET C 57 -34.99 -13.19 -12.54
C MET C 57 -35.46 -13.21 -11.09
N PHE C 58 -34.77 -12.47 -10.22
CA PHE C 58 -35.02 -12.43 -8.75
C PHE C 58 -36.47 -12.03 -8.51
N ARG C 59 -36.98 -11.06 -9.28
CA ARG C 59 -38.31 -10.42 -9.06
C ARG C 59 -39.47 -11.30 -9.55
N ASN C 60 -39.21 -12.22 -10.49
CA ASN C 60 -40.25 -12.99 -11.23
C ASN C 60 -40.14 -14.50 -11.02
N MET C 61 -39.13 -15.01 -10.30
CA MET C 61 -38.83 -16.46 -10.22
C MET C 61 -38.76 -16.91 -8.75
N GLN C 62 -38.91 -18.22 -8.55
CA GLN C 62 -38.88 -18.95 -7.24
C GLN C 62 -37.46 -19.46 -6.95
N ASN C 63 -37.14 -19.77 -5.69
CA ASN C 63 -35.86 -20.39 -5.27
C ASN C 63 -35.56 -21.64 -6.09
N ALA C 64 -36.51 -22.57 -6.16
CA ALA C 64 -36.34 -23.85 -6.87
C ALA C 64 -35.92 -23.58 -8.32
N GLU C 65 -36.47 -22.54 -8.94
CA GLU C 65 -36.16 -22.17 -10.34
C GLU C 65 -34.72 -21.61 -10.37
N ILE C 66 -34.36 -20.76 -9.40
CA ILE C 66 -33.01 -20.11 -9.36
C ILE C 66 -31.95 -21.20 -9.17
N ILE C 67 -32.26 -22.22 -8.36
CA ILE C 67 -31.30 -23.32 -8.05
C ILE C 67 -31.16 -24.20 -9.29
N ARG C 68 -32.29 -24.55 -9.92
CA ARG C 68 -32.32 -25.26 -11.24
C ARG C 68 -31.40 -24.52 -12.23
N LYS C 69 -31.59 -23.22 -12.40
CA LYS C 69 -30.78 -22.44 -13.38
C LYS C 69 -29.33 -22.64 -13.02
N MET C 70 -29.01 -22.53 -11.74
CA MET C 70 -27.60 -22.52 -11.30
C MET C 70 -27.06 -23.96 -11.40
N THR C 71 -27.87 -24.96 -11.10
CA THR C 71 -27.44 -26.39 -11.20
C THR C 71 -26.86 -26.68 -12.58
N GLU C 72 -27.25 -25.93 -13.62
CA GLU C 72 -26.89 -26.19 -15.04
C GLU C 72 -25.41 -25.89 -15.33
N GLU C 73 -24.74 -25.09 -14.49
CA GLU C 73 -23.30 -24.75 -14.67
C GLU C 73 -22.39 -25.82 -14.04
N PHE C 74 -22.95 -26.94 -13.54
CA PHE C 74 -22.21 -28.16 -13.10
C PHE C 74 -22.58 -29.34 -14.01
N GLY C 79 -15.93 -29.81 -10.88
CA GLY C 79 -15.37 -30.72 -9.86
C GLY C 79 -15.12 -30.01 -8.53
N ASP C 80 -14.29 -28.96 -8.54
CA ASP C 80 -13.77 -28.27 -7.32
C ASP C 80 -14.48 -26.93 -7.11
N TYR C 81 -14.63 -26.55 -5.84
CA TYR C 81 -15.42 -25.37 -5.38
C TYR C 81 -14.70 -24.69 -4.23
N PRO C 82 -14.96 -23.38 -4.00
CA PRO C 82 -14.12 -22.57 -3.11
C PRO C 82 -13.73 -23.21 -1.77
N LEU C 83 -14.65 -23.91 -1.11
CA LEU C 83 -14.42 -24.49 0.24
C LEU C 83 -13.35 -25.58 0.15
N THR C 84 -13.19 -26.25 -1.00
CA THR C 84 -12.18 -27.34 -1.23
C THR C 84 -11.00 -26.91 -2.09
N MET C 85 -10.94 -25.68 -2.63
CA MET C 85 -9.88 -25.27 -3.59
C MET C 85 -8.53 -25.35 -2.87
N PRO C 86 -7.47 -25.85 -3.58
CA PRO C 86 -6.09 -25.69 -3.12
C PRO C 86 -5.47 -24.41 -3.70
N GLY C 87 -4.50 -23.83 -2.98
CA GLY C 87 -3.74 -22.66 -3.44
C GLY C 87 -3.59 -21.66 -2.31
N PRO C 88 -2.79 -20.59 -2.50
CA PRO C 88 -2.69 -19.52 -1.51
C PRO C 88 -3.97 -18.64 -1.43
N GLN C 89 -4.61 -18.37 -2.57
CA GLN C 89 -5.71 -17.38 -2.70
C GLN C 89 -7.06 -17.93 -2.17
N TRP C 90 -7.10 -19.18 -1.68
CA TRP C 90 -8.32 -19.81 -1.04
C TRP C 90 -7.99 -20.36 0.36
N LYS C 91 -6.85 -20.00 0.93
CA LYS C 91 -6.41 -20.54 2.24
C LYS C 91 -7.55 -20.25 3.24
N LYS C 92 -7.85 -18.96 3.41
CA LYS C 92 -8.64 -18.42 4.54
C LYS C 92 -10.11 -18.41 4.17
N PHE C 93 -10.45 -18.90 2.97
CA PHE C 93 -11.81 -18.72 2.41
C PHE C 93 -12.84 -19.26 3.41
N ARG C 94 -12.60 -20.45 3.94
CA ARG C 94 -13.59 -21.13 4.81
C ARG C 94 -13.78 -20.26 6.05
N SER C 95 -12.67 -19.87 6.66
CA SER C 95 -12.63 -19.05 7.89
C SER C 95 -13.39 -17.73 7.63
N ASN C 96 -13.16 -17.12 6.47
CA ASN C 96 -13.79 -15.84 6.07
C ASN C 96 -15.30 -16.05 5.93
N PHE C 97 -15.66 -17.07 5.15
CA PHE C 97 -17.06 -17.45 4.84
C PHE C 97 -17.85 -17.58 6.15
N CYS C 98 -17.34 -18.37 7.09
CA CYS C 98 -17.95 -18.57 8.42
C CYS C 98 -18.02 -17.23 9.16
N GLU C 99 -16.92 -16.50 9.21
CA GLU C 99 -16.86 -15.21 9.95
C GLU C 99 -17.95 -14.29 9.39
N PHE C 100 -18.04 -14.17 8.06
CA PHE C 100 -19.04 -13.33 7.36
C PHE C 100 -20.43 -13.59 7.95
N ILE C 101 -20.80 -14.86 8.08
CA ILE C 101 -22.20 -15.20 8.44
C ILE C 101 -22.45 -14.68 9.86
N GLY C 102 -21.48 -14.80 10.74
CA GLY C 102 -21.63 -14.36 12.14
C GLY C 102 -21.77 -12.86 12.16
N VAL C 103 -20.98 -12.17 11.36
CA VAL C 103 -20.95 -10.68 11.33
C VAL C 103 -22.28 -10.20 10.74
N LEU C 104 -22.68 -10.75 9.59
CA LEU C 104 -23.97 -10.39 8.95
C LEU C 104 -25.10 -10.45 10.00
N ILE C 105 -25.22 -11.58 10.70
CA ILE C 105 -26.35 -11.82 11.65
C ILE C 105 -26.18 -10.93 12.87
N ARG C 106 -25.00 -10.95 13.49
CA ARG C 106 -24.69 -10.11 14.68
C ARG C 106 -25.19 -8.68 14.38
N GLN C 107 -24.83 -8.15 13.20
CA GLN C 107 -25.12 -6.76 12.80
C GLN C 107 -26.58 -6.57 12.42
N CYS C 108 -27.26 -7.59 11.89
CA CYS C 108 -28.69 -7.48 11.51
C CYS C 108 -29.60 -7.85 12.70
N GLN C 109 -29.05 -8.09 13.91
CA GLN C 109 -29.76 -8.89 14.94
C GLN C 109 -30.89 -8.11 15.62
N TYR C 110 -30.91 -6.77 15.53
CA TYR C 110 -31.87 -5.93 16.29
C TYR C 110 -33.05 -5.51 15.42
N SER C 111 -32.99 -5.68 14.10
CA SER C 111 -34.16 -5.30 13.28
C SER C 111 -34.29 -6.14 12.00
N ILE C 112 -33.24 -6.25 11.20
CA ILE C 112 -33.40 -6.83 9.83
C ILE C 112 -33.84 -8.32 9.93
N ILE C 113 -33.32 -9.10 10.88
CA ILE C 113 -33.59 -10.57 10.94
C ILE C 113 -35.06 -10.80 11.26
N TYR C 114 -35.73 -9.85 11.91
CA TYR C 114 -37.15 -10.00 12.31
C TYR C 114 -38.14 -9.66 11.17
N ASP C 115 -37.68 -9.17 10.01
CA ASP C 115 -38.57 -8.58 8.96
C ASP C 115 -39.21 -9.67 8.10
N GLU C 116 -39.06 -10.94 8.43
CA GLU C 116 -39.82 -11.99 7.73
C GLU C 116 -39.49 -11.98 6.22
N TYR C 117 -38.45 -11.25 5.81
CA TYR C 117 -38.10 -11.11 4.37
C TYR C 117 -36.68 -11.64 4.14
N MET C 118 -35.68 -10.99 4.75
CA MET C 118 -34.25 -11.37 4.66
C MET C 118 -34.05 -12.81 5.11
N MET C 119 -34.46 -13.16 6.32
CA MET C 119 -34.12 -14.46 6.93
C MET C 119 -34.89 -15.57 6.20
N ASP C 120 -36.12 -15.26 5.82
CA ASP C 120 -36.96 -16.16 4.99
C ASP C 120 -36.20 -16.54 3.71
N THR C 121 -35.67 -15.54 3.01
CA THR C 121 -34.95 -15.69 1.71
C THR C 121 -33.73 -16.57 1.94
N VAL C 122 -32.92 -16.25 2.94
CA VAL C 122 -31.62 -16.92 3.13
C VAL C 122 -31.90 -18.39 3.44
N ILE C 123 -32.70 -18.67 4.47
CA ILE C 123 -32.94 -20.06 4.94
C ILE C 123 -33.47 -20.91 3.77
N SER C 124 -34.43 -20.37 3.01
CA SER C 124 -35.04 -21.04 1.84
C SER C 124 -33.94 -21.48 0.86
N LEU C 125 -33.03 -20.57 0.58
CA LEU C 125 -32.01 -20.77 -0.47
C LEU C 125 -31.07 -21.87 0.03
N LEU C 126 -30.48 -21.66 1.23
CA LEU C 126 -29.54 -22.64 1.80
C LEU C 126 -30.26 -23.99 1.88
N THR C 127 -31.55 -23.97 2.25
CA THR C 127 -32.39 -25.19 2.38
C THR C 127 -32.46 -25.89 1.02
N GLY C 128 -32.86 -25.17 -0.02
CA GLY C 128 -32.90 -25.69 -1.40
C GLY C 128 -31.54 -26.20 -1.84
N LEU C 129 -30.48 -25.40 -1.66
CA LEU C 129 -29.09 -25.79 -2.04
C LEU C 129 -28.67 -27.05 -1.24
N SER C 130 -29.17 -27.24 -0.02
CA SER C 130 -28.76 -28.38 0.84
C SER C 130 -29.35 -29.70 0.31
N ASP C 131 -30.42 -29.68 -0.49
CA ASP C 131 -31.02 -30.91 -1.10
C ASP C 131 -30.43 -31.14 -2.50
N SER C 132 -29.57 -30.27 -3.01
CA SER C 132 -28.93 -30.44 -4.34
C SER C 132 -28.15 -31.75 -4.40
N GLN C 133 -28.02 -32.31 -5.60
CA GLN C 133 -27.14 -33.47 -5.91
C GLN C 133 -25.71 -32.96 -6.09
N VAL C 134 -25.56 -31.68 -6.42
CA VAL C 134 -24.23 -31.02 -6.58
C VAL C 134 -23.59 -30.91 -5.19
N ARG C 135 -22.40 -31.49 -5.02
CA ARG C 135 -21.65 -31.54 -3.74
C ARG C 135 -21.35 -30.10 -3.29
N ALA C 136 -20.77 -29.31 -4.18
CA ALA C 136 -20.45 -27.89 -3.98
C ALA C 136 -21.60 -27.18 -3.25
N PHE C 137 -22.82 -27.40 -3.70
CA PHE C 137 -24.04 -26.74 -3.17
C PHE C 137 -24.37 -27.33 -1.79
N ARG C 138 -24.26 -28.64 -1.63
CA ARG C 138 -24.60 -29.30 -0.34
C ARG C 138 -23.56 -28.90 0.70
N HIS C 139 -22.29 -28.97 0.33
CA HIS C 139 -21.20 -28.57 1.24
C HIS C 139 -21.36 -27.09 1.61
N THR C 140 -21.50 -26.20 0.64
CA THR C 140 -21.44 -24.74 0.89
C THR C 140 -22.68 -24.29 1.67
N SER C 141 -23.89 -24.69 1.27
CA SER C 141 -25.14 -24.31 1.97
C SER C 141 -25.22 -24.93 3.38
N THR C 142 -24.74 -26.17 3.57
CA THR C 142 -24.80 -26.88 4.89
C THR C 142 -23.91 -26.13 5.88
N LEU C 143 -22.65 -25.91 5.52
CA LEU C 143 -21.70 -25.12 6.36
C LEU C 143 -22.29 -23.72 6.63
N ALA C 144 -22.82 -23.05 5.61
CA ALA C 144 -23.54 -21.76 5.77
C ALA C 144 -24.70 -21.87 6.77
N ALA C 145 -25.50 -22.93 6.68
CA ALA C 145 -26.75 -23.10 7.47
C ALA C 145 -26.37 -23.43 8.92
N MET C 146 -25.34 -24.25 9.13
CA MET C 146 -24.82 -24.57 10.48
C MET C 146 -24.33 -23.28 11.15
N LYS C 147 -23.52 -22.44 10.48
CA LYS C 147 -22.98 -21.20 11.13
C LYS C 147 -24.11 -20.17 11.29
N LEU C 148 -24.99 -20.08 10.30
CA LEU C 148 -26.20 -19.26 10.40
C LEU C 148 -26.92 -19.61 11.71
N MET C 149 -26.98 -20.90 12.05
CA MET C 149 -27.77 -21.37 13.21
C MET C 149 -27.04 -20.95 14.48
N THR C 150 -25.75 -21.20 14.54
CA THR C 150 -24.92 -20.83 15.71
C THR C 150 -25.04 -19.32 15.94
N ALA C 151 -25.03 -18.52 14.87
CA ALA C 151 -25.30 -17.06 14.97
C ALA C 151 -26.66 -16.83 15.64
N LEU C 152 -27.71 -17.52 15.18
CA LEU C 152 -29.08 -17.41 15.75
C LEU C 152 -29.08 -17.88 17.21
N VAL C 153 -28.27 -18.89 17.57
CA VAL C 153 -28.18 -19.30 18.99
C VAL C 153 -27.55 -18.14 19.77
N ASN C 154 -26.61 -17.40 19.19
CA ASN C 154 -25.98 -16.23 19.88
C ASN C 154 -27.06 -15.18 20.10
N VAL C 155 -27.91 -14.98 19.09
CA VAL C 155 -28.99 -13.94 19.18
C VAL C 155 -29.95 -14.36 20.29
N ALA C 156 -30.27 -15.64 20.40
CA ALA C 156 -31.17 -16.19 21.44
C ALA C 156 -30.54 -15.98 22.81
N LEU C 157 -29.22 -16.12 22.92
CA LEU C 157 -28.51 -15.93 24.22
C LEU C 157 -28.57 -14.47 24.65
N ASN C 158 -28.13 -13.54 23.81
CA ASN C 158 -28.26 -12.08 24.06
C ASN C 158 -29.69 -11.78 24.55
N LEU C 159 -30.70 -12.29 23.86
CA LEU C 159 -32.11 -12.09 24.25
C LEU C 159 -32.31 -12.60 25.67
N SER C 160 -31.81 -13.81 26.01
CA SER C 160 -31.89 -14.46 27.36
C SER C 160 -31.23 -13.58 28.45
N ILE C 161 -30.09 -12.96 28.17
CA ILE C 161 -29.50 -11.95 29.09
C ILE C 161 -30.56 -10.83 29.27
N HIS C 162 -30.92 -10.07 28.22
CA HIS C 162 -31.91 -8.96 28.29
C HIS C 162 -33.22 -9.40 28.99
N GLN C 163 -33.68 -10.66 28.85
CA GLN C 163 -34.93 -11.17 29.50
C GLN C 163 -34.72 -11.36 31.02
N ASP C 164 -33.52 -11.74 31.47
CA ASP C 164 -33.18 -11.88 32.91
C ASP C 164 -33.01 -10.48 33.54
N ASN C 165 -32.30 -9.57 32.86
CA ASN C 165 -32.12 -8.15 33.32
C ASN C 165 -33.49 -7.50 33.50
N THR C 166 -34.41 -7.74 32.55
CA THR C 166 -35.77 -7.14 32.57
C THR C 166 -36.52 -7.74 33.76
N GLN C 167 -36.61 -9.07 33.86
CA GLN C 167 -37.32 -9.72 34.99
C GLN C 167 -36.75 -9.16 36.30
N ARG C 168 -35.44 -8.90 36.40
CA ARG C 168 -34.77 -8.48 37.66
C ARG C 168 -35.15 -7.04 38.02
N GLN C 169 -35.20 -6.13 37.05
CA GLN C 169 -35.66 -4.73 37.29
C GLN C 169 -37.16 -4.70 37.59
N TYR C 170 -37.96 -5.59 36.99
CA TYR C 170 -39.42 -5.72 37.25
C TYR C 170 -39.64 -6.34 38.64
N GLU C 171 -38.84 -7.35 39.03
CA GLU C 171 -38.79 -7.88 40.42
C GLU C 171 -38.63 -6.71 41.39
N ALA C 172 -37.58 -5.89 41.16
CA ALA C 172 -37.11 -4.78 42.03
C ALA C 172 -38.21 -3.71 42.16
N GLU C 173 -38.85 -3.38 41.04
CA GLU C 173 -39.87 -2.30 41.00
C GLU C 173 -41.16 -2.80 41.64
N ARG C 174 -41.56 -4.07 41.42
CA ARG C 174 -42.83 -4.65 41.96
C ARG C 174 -42.77 -4.67 43.50
N ASN C 175 -41.58 -4.89 44.10
CA ASN C 175 -41.38 -5.03 45.58
C ASN C 175 -40.89 -3.71 46.23
N LYS C 176 -41.05 -2.53 45.60
CA LYS C 176 -40.76 -1.19 46.20
C LYS C 176 -42.05 -0.66 46.86
N MET C 177 -41.94 0.20 47.90
CA MET C 177 -43.08 0.70 48.73
C MET C 177 -43.95 1.66 47.90
N ILE C 178 -45.27 1.74 48.16
CA ILE C 178 -46.20 2.72 47.52
C ILE C 178 -45.63 4.14 47.65
N GLY C 179 -45.35 4.83 46.54
CA GLY C 179 -44.70 6.15 46.54
C GLY C 179 -43.22 6.09 46.23
N LYS C 180 -42.63 4.89 46.17
CA LYS C 180 -41.35 4.59 45.45
C LYS C 180 -41.70 3.87 44.14
N ARG C 181 -42.60 2.87 44.15
CA ARG C 181 -43.07 2.11 42.95
C ARG C 181 -43.74 3.07 41.95
N ALA C 182 -43.12 3.23 40.77
CA ALA C 182 -43.68 3.92 39.58
C ALA C 182 -44.39 2.89 38.69
N ASN C 183 -45.67 3.12 38.36
CA ASN C 183 -46.50 2.15 37.60
C ASN C 183 -46.12 2.13 36.11
N GLU C 184 -45.81 3.27 35.48
CA GLU C 184 -45.40 3.32 34.04
C GLU C 184 -43.98 2.75 33.86
N ARG C 185 -43.16 2.71 34.90
CA ARG C 185 -41.86 1.98 34.90
C ARG C 185 -42.14 0.46 34.89
N LEU C 186 -43.06 -0.05 35.72
CA LEU C 186 -43.49 -1.48 35.68
C LEU C 186 -44.02 -1.78 34.28
N GLU C 187 -44.77 -0.83 33.71
CA GLU C 187 -45.48 -1.00 32.42
C GLU C 187 -44.44 -1.16 31.30
N LEU C 188 -43.42 -0.29 31.29
CA LEU C 188 -42.29 -0.28 30.32
C LEU C 188 -41.59 -1.65 30.34
N LEU C 189 -41.29 -2.15 31.55
CA LEU C 189 -40.55 -3.41 31.76
C LEU C 189 -41.40 -4.61 31.30
N LEU C 190 -42.70 -4.65 31.63
CA LEU C 190 -43.60 -5.73 31.12
C LEU C 190 -43.63 -5.70 29.59
N GLN C 191 -43.61 -4.51 28.95
CA GLN C 191 -43.70 -4.37 27.47
C GLN C 191 -42.39 -4.85 26.84
N LYS C 192 -41.25 -4.65 27.50
CA LYS C 192 -39.91 -5.17 27.12
C LYS C 192 -39.90 -6.72 27.22
N ARG C 193 -40.23 -7.26 28.40
CA ARG C 193 -40.34 -8.72 28.67
C ARG C 193 -41.16 -9.37 27.55
N LYS C 194 -42.26 -8.74 27.14
CA LYS C 194 -43.18 -9.24 26.09
C LYS C 194 -42.41 -9.24 24.77
N GLU C 195 -41.84 -8.09 24.40
CA GLU C 195 -41.11 -7.87 23.13
C GLU C 195 -39.98 -8.93 23.03
N LEU C 196 -39.21 -9.10 24.09
CA LEU C 196 -38.09 -10.06 24.11
C LEU C 196 -38.61 -11.49 23.95
N GLN C 197 -39.69 -11.87 24.64
CA GLN C 197 -40.29 -13.22 24.45
C GLN C 197 -40.65 -13.42 22.96
N GLU C 198 -41.34 -12.46 22.33
CA GLU C 198 -41.77 -12.59 20.91
C GLU C 198 -40.55 -12.60 19.96
N ASN C 199 -39.53 -11.79 20.22
CA ASN C 199 -38.22 -11.89 19.52
C ASN C 199 -37.74 -13.35 19.60
N GLN C 200 -37.62 -13.90 20.82
CA GLN C 200 -37.15 -15.28 21.10
C GLN C 200 -37.93 -16.28 20.22
N ASP C 201 -39.26 -16.14 20.18
CA ASP C 201 -40.18 -17.05 19.44
C ASP C 201 -39.88 -16.97 17.94
N GLU C 202 -39.67 -15.77 17.40
CA GLU C 202 -39.20 -15.55 16.00
C GLU C 202 -37.84 -16.23 15.81
N ILE C 203 -36.86 -16.00 16.70
CA ILE C 203 -35.50 -16.62 16.54
C ILE C 203 -35.65 -18.15 16.58
N GLU C 204 -36.49 -18.71 17.46
CA GLU C 204 -36.61 -20.20 17.58
C GLU C 204 -37.30 -20.75 16.33
N ASN C 205 -38.21 -20.01 15.71
CA ASN C 205 -38.97 -20.50 14.51
C ASN C 205 -37.95 -20.65 13.38
N MET C 206 -36.99 -19.71 13.32
CA MET C 206 -35.92 -19.67 12.28
C MET C 206 -35.02 -20.88 12.47
N MET C 207 -34.54 -21.04 13.70
CA MET C 207 -33.64 -22.15 14.14
C MET C 207 -34.30 -23.47 13.73
N ASN C 208 -35.60 -23.61 13.98
CA ASN C 208 -36.35 -24.84 13.66
C ASN C 208 -36.28 -25.07 12.15
N SER C 209 -36.64 -24.07 11.32
CA SER C 209 -36.54 -24.17 9.85
C SER C 209 -35.20 -24.78 9.44
N ILE C 210 -34.09 -24.37 10.07
CA ILE C 210 -32.72 -24.82 9.70
C ILE C 210 -32.57 -26.27 10.20
N PHE C 211 -32.94 -26.52 11.45
CA PHE C 211 -32.70 -27.83 12.09
C PHE C 211 -33.43 -28.94 11.32
N LYS C 212 -34.75 -28.79 11.16
CA LYS C 212 -35.65 -29.79 10.51
C LYS C 212 -35.47 -29.77 8.99
N GLY C 213 -35.13 -28.63 8.40
CA GLY C 213 -35.02 -28.44 6.94
C GLY C 213 -33.65 -28.82 6.39
N ILE C 214 -32.60 -28.79 7.23
CA ILE C 214 -31.21 -28.97 6.73
C ILE C 214 -30.48 -29.98 7.64
N PHE C 215 -30.42 -29.72 8.95
CA PHE C 215 -29.56 -30.50 9.86
C PHE C 215 -29.94 -31.98 9.77
N VAL C 216 -31.21 -32.32 9.92
CA VAL C 216 -31.61 -33.75 10.08
C VAL C 216 -31.37 -34.48 8.77
N HIS C 217 -31.49 -33.83 7.62
CA HIS C 217 -31.12 -34.49 6.35
C HIS C 217 -29.57 -34.61 6.32
N ARG C 218 -28.83 -33.53 6.58
CA ARG C 218 -27.39 -33.41 6.21
C ARG C 218 -26.46 -34.16 7.19
N TYR C 219 -26.87 -34.43 8.43
CA TYR C 219 -25.96 -35.10 9.42
C TYR C 219 -25.76 -36.55 8.97
N ARG C 220 -26.61 -37.05 8.06
CA ARG C 220 -26.48 -38.40 7.44
C ARG C 220 -26.10 -38.28 5.96
N ASP C 221 -25.42 -37.21 5.58
CA ASP C 221 -24.99 -36.98 4.18
C ASP C 221 -24.02 -38.07 3.73
N ALA C 222 -24.07 -38.38 2.44
CA ALA C 222 -23.13 -39.28 1.73
C ALA C 222 -21.70 -38.86 2.06
N ILE C 223 -21.38 -37.56 1.98
CA ILE C 223 -19.99 -37.02 2.13
C ILE C 223 -19.65 -36.86 3.61
N ALA C 224 -18.53 -37.44 4.04
CA ALA C 224 -18.12 -37.49 5.47
C ALA C 224 -18.00 -36.06 6.01
N GLU C 225 -17.39 -35.14 5.25
CA GLU C 225 -17.13 -33.76 5.72
C GLU C 225 -18.45 -33.07 6.08
N ILE C 226 -19.54 -33.32 5.34
CA ILE C 226 -20.87 -32.69 5.59
C ILE C 226 -21.46 -33.26 6.90
N ARG C 227 -21.25 -34.55 7.18
CA ARG C 227 -21.66 -35.17 8.47
C ARG C 227 -20.85 -34.49 9.59
N ALA C 228 -19.55 -34.30 9.40
CA ALA C 228 -18.61 -33.75 10.39
C ALA C 228 -19.00 -32.32 10.73
N ILE C 229 -19.42 -31.57 9.72
CA ILE C 229 -19.75 -30.12 9.85
C ILE C 229 -21.00 -30.00 10.72
N CYS C 230 -22.00 -30.86 10.52
CA CYS C 230 -23.27 -30.88 11.29
C CYS C 230 -23.00 -31.34 12.73
N ILE C 231 -22.23 -32.39 12.90
CA ILE C 231 -21.98 -32.97 14.25
C ILE C 231 -21.19 -31.95 15.06
N GLU C 232 -20.15 -31.36 14.48
CA GLU C 232 -19.35 -30.37 15.21
C GLU C 232 -20.27 -29.25 15.68
N GLU C 233 -21.19 -28.80 14.81
CA GLU C 233 -21.97 -27.58 15.13
C GLU C 233 -23.00 -27.94 16.19
N ILE C 234 -23.67 -29.08 16.07
CA ILE C 234 -24.72 -29.38 17.06
C ILE C 234 -24.07 -29.42 18.46
N GLY C 235 -22.83 -29.90 18.53
CA GLY C 235 -22.04 -29.91 19.77
C GLY C 235 -21.95 -28.51 20.34
N VAL C 236 -21.57 -27.55 19.50
CA VAL C 236 -21.49 -26.11 19.85
C VAL C 236 -22.82 -25.61 20.43
N TRP C 237 -23.98 -25.98 19.87
CA TRP C 237 -25.26 -25.33 20.28
C TRP C 237 -25.61 -25.81 21.69
N MET C 238 -25.41 -27.11 21.92
CA MET C 238 -25.63 -27.77 23.23
C MET C 238 -24.70 -27.13 24.27
N LYS C 239 -23.47 -26.80 23.89
CA LYS C 239 -22.50 -26.23 24.83
C LYS C 239 -22.88 -24.78 25.15
N MET C 240 -23.18 -23.96 24.13
CA MET C 240 -23.27 -22.48 24.30
C MET C 240 -24.62 -22.08 24.88
N TYR C 241 -25.65 -22.90 24.70
CA TYR C 241 -27.03 -22.58 25.16
C TYR C 241 -27.67 -23.88 25.64
N SER C 242 -27.11 -24.41 26.72
CA SER C 242 -27.46 -25.72 27.34
C SER C 242 -28.96 -25.76 27.60
N ASP C 243 -29.51 -24.68 28.16
CA ASP C 243 -30.94 -24.61 28.60
C ASP C 243 -31.86 -24.99 27.43
N ALA C 244 -31.47 -24.65 26.20
CA ALA C 244 -32.31 -24.76 24.99
C ALA C 244 -32.02 -26.06 24.24
N PHE C 245 -30.75 -26.50 24.23
CA PHE C 245 -30.21 -27.47 23.24
C PHE C 245 -29.65 -28.76 23.88
N LEU C 246 -29.17 -28.73 25.13
CA LEU C 246 -28.64 -29.93 25.81
C LEU C 246 -29.83 -30.72 26.37
N ASN C 247 -30.57 -31.36 25.48
CA ASN C 247 -31.68 -32.25 25.87
C ASN C 247 -31.61 -33.47 24.96
N ASP C 248 -32.54 -34.41 25.15
CA ASP C 248 -32.49 -35.75 24.54
C ASP C 248 -32.80 -35.61 23.04
N SER C 249 -33.54 -34.57 22.63
CA SER C 249 -33.90 -34.30 21.20
C SER C 249 -32.68 -34.03 20.33
N TYR C 250 -31.68 -33.32 20.86
CA TYR C 250 -30.44 -32.92 20.13
C TYR C 250 -29.38 -34.00 20.35
N LEU C 251 -29.24 -34.45 21.59
CA LEU C 251 -28.19 -35.41 21.96
C LEU C 251 -28.34 -36.72 21.18
N LYS C 252 -29.55 -37.09 20.75
CA LYS C 252 -29.74 -38.40 20.06
C LYS C 252 -28.96 -38.38 18.73
N TYR C 253 -28.95 -37.25 18.02
CA TYR C 253 -28.28 -37.09 16.70
C TYR C 253 -26.78 -37.38 16.84
N VAL C 254 -26.17 -36.97 17.95
CA VAL C 254 -24.75 -37.25 18.23
C VAL C 254 -24.62 -38.74 18.55
N GLY C 255 -25.56 -39.29 19.32
CA GLY C 255 -25.62 -40.71 19.71
C GLY C 255 -25.64 -41.62 18.49
N TRP C 256 -26.53 -41.35 17.52
CA TRP C 256 -26.72 -42.24 16.35
C TRP C 256 -25.48 -42.16 15.47
N THR C 257 -24.75 -41.05 15.53
CA THR C 257 -23.61 -40.80 14.63
C THR C 257 -22.34 -41.36 15.29
N LEU C 258 -22.41 -41.82 16.54
CA LEU C 258 -21.27 -42.49 17.22
C LEU C 258 -20.80 -43.68 16.36
N HIS C 259 -21.73 -44.37 15.72
CA HIS C 259 -21.50 -45.60 14.90
C HIS C 259 -20.87 -45.32 13.53
N ASP C 260 -20.62 -44.06 13.15
CA ASP C 260 -20.26 -43.65 11.76
C ASP C 260 -19.07 -44.47 11.23
N ARG C 261 -19.15 -44.89 9.96
CA ARG C 261 -18.10 -45.69 9.25
C ARG C 261 -16.81 -44.85 9.24
N GLN C 262 -16.92 -43.53 9.20
CA GLN C 262 -15.75 -42.63 9.02
C GLN C 262 -15.22 -42.21 10.39
N GLY C 263 -13.91 -42.42 10.60
CA GLY C 263 -13.21 -42.20 11.88
C GLY C 263 -13.24 -40.73 12.32
N GLU C 264 -13.12 -39.81 11.37
CA GLU C 264 -13.09 -38.35 11.64
C GLU C 264 -14.48 -37.86 12.07
N VAL C 265 -15.56 -38.52 11.65
CA VAL C 265 -16.93 -38.20 12.11
C VAL C 265 -17.11 -38.74 13.53
N ARG C 266 -16.58 -39.93 13.81
CA ARG C 266 -16.66 -40.52 15.17
C ARG C 266 -15.94 -39.58 16.13
N LEU C 267 -14.79 -39.08 15.70
CA LEU C 267 -13.94 -38.15 16.47
C LEU C 267 -14.73 -36.87 16.79
N LYS C 268 -15.52 -36.38 15.85
CA LYS C 268 -16.28 -35.12 16.08
C LYS C 268 -17.35 -35.43 17.13
N CYS C 269 -18.02 -36.58 17.03
CA CYS C 269 -19.03 -37.01 18.01
C CYS C 269 -18.42 -36.93 19.41
N LEU C 270 -17.24 -37.52 19.61
CA LEU C 270 -16.61 -37.63 20.95
C LEU C 270 -16.20 -36.24 21.46
N LYS C 271 -15.65 -35.37 20.61
CA LYS C 271 -15.22 -34.01 21.05
C LYS C 271 -16.49 -33.21 21.42
N ALA C 272 -17.55 -33.33 20.63
CA ALA C 272 -18.87 -32.71 20.94
C ALA C 272 -19.27 -33.02 22.38
N LEU C 273 -19.23 -34.31 22.73
CA LEU C 273 -19.62 -34.83 24.06
C LEU C 273 -18.54 -34.47 25.11
N GLN C 274 -17.26 -34.58 24.79
CA GLN C 274 -16.18 -34.20 25.74
C GLN C 274 -16.45 -32.82 26.35
N SER C 275 -16.89 -31.82 25.58
CA SER C 275 -17.04 -30.41 26.06
C SER C 275 -18.32 -30.26 26.90
N LEU C 276 -19.28 -31.18 26.77
CA LEU C 276 -20.44 -31.25 27.68
C LEU C 276 -20.01 -31.90 29.01
N TYR C 277 -19.41 -33.09 28.96
CA TYR C 277 -19.10 -33.90 30.17
C TYR C 277 -18.03 -33.20 31.04
N THR C 278 -17.18 -32.33 30.49
CA THR C 278 -16.18 -31.54 31.28
C THR C 278 -16.86 -30.65 32.32
N ASN C 279 -18.16 -30.35 32.21
CA ASN C 279 -18.86 -29.42 33.13
C ASN C 279 -19.86 -30.21 33.98
N ARG C 280 -19.52 -30.38 35.26
CA ARG C 280 -20.22 -31.31 36.17
C ARG C 280 -21.67 -30.83 36.39
N GLU C 281 -21.94 -29.53 36.21
CA GLU C 281 -23.31 -28.98 36.40
C GLU C 281 -24.26 -29.55 35.33
N LEU C 282 -23.75 -30.06 34.19
CA LEU C 282 -24.59 -30.46 33.02
C LEU C 282 -25.02 -31.94 33.11
N PHE C 283 -24.41 -32.73 33.99
CA PHE C 283 -24.64 -34.20 34.11
C PHE C 283 -26.11 -34.55 34.21
N PRO C 284 -26.93 -33.93 35.09
CA PRO C 284 -28.35 -34.28 35.21
C PRO C 284 -29.06 -34.35 33.84
N LYS C 285 -28.70 -33.45 32.91
CA LYS C 285 -29.27 -33.37 31.54
C LYS C 285 -28.65 -34.44 30.65
N LEU C 286 -27.48 -34.97 31.04
CA LEU C 286 -26.74 -36.01 30.25
C LEU C 286 -27.09 -37.43 30.71
N GLU C 287 -27.75 -37.58 31.87
CA GLU C 287 -27.98 -38.90 32.53
C GLU C 287 -28.67 -39.87 31.56
N LEU C 288 -29.93 -39.62 31.19
CA LEU C 288 -30.68 -40.54 30.29
C LEU C 288 -29.81 -40.91 29.06
N PHE C 289 -29.13 -39.93 28.44
CA PHE C 289 -28.32 -40.11 27.21
C PHE C 289 -27.23 -41.15 27.51
N THR C 290 -26.37 -40.87 28.50
CA THR C 290 -25.28 -41.79 28.97
C THR C 290 -25.80 -43.23 29.05
N ASN C 291 -26.95 -43.44 29.71
CA ASN C 291 -27.57 -44.79 29.85
C ASN C 291 -27.86 -45.33 28.44
N ARG C 292 -28.50 -44.54 27.58
CA ARG C 292 -28.90 -45.05 26.24
C ARG C 292 -27.65 -45.39 25.42
N PHE C 293 -26.55 -44.64 25.56
CA PHE C 293 -25.41 -44.72 24.60
C PHE C 293 -24.11 -45.16 25.28
N LYS C 294 -24.16 -45.72 26.50
CA LYS C 294 -22.94 -46.21 27.20
C LYS C 294 -22.30 -47.32 26.35
N ASP C 295 -23.10 -48.25 25.83
CA ASP C 295 -22.55 -49.43 25.12
C ASP C 295 -21.71 -48.93 23.95
N ARG C 296 -22.32 -48.13 23.07
CA ARG C 296 -21.71 -47.58 21.83
C ARG C 296 -20.51 -46.69 22.17
N ILE C 297 -20.58 -45.91 23.26
CA ILE C 297 -19.50 -44.98 23.73
C ILE C 297 -18.30 -45.81 24.18
N VAL C 298 -18.53 -46.76 25.08
CA VAL C 298 -17.47 -47.47 25.84
C VAL C 298 -16.72 -48.43 24.90
N SER C 299 -17.43 -49.09 23.98
CA SER C 299 -16.88 -49.85 22.81
C SER C 299 -15.72 -49.08 22.16
N MET C 300 -15.94 -47.80 21.87
CA MET C 300 -15.02 -46.92 21.11
C MET C 300 -13.68 -46.75 21.84
N THR C 301 -13.59 -47.10 23.14
CA THR C 301 -12.32 -47.01 23.91
C THR C 301 -11.28 -47.96 23.31
N LEU C 302 -11.72 -48.90 22.46
CA LEU C 302 -10.79 -49.79 21.70
C LEU C 302 -11.15 -49.71 20.22
N ASP C 303 -11.42 -48.52 19.72
CA ASP C 303 -11.77 -48.26 18.31
C ASP C 303 -10.59 -48.66 17.41
N LYS C 304 -10.87 -49.15 16.19
CA LYS C 304 -9.84 -49.51 15.18
C LYS C 304 -8.85 -48.34 15.07
N GLU C 305 -9.35 -47.10 15.04
CA GLU C 305 -8.55 -45.86 14.87
C GLU C 305 -8.06 -45.41 16.25
N TYR C 306 -6.74 -45.37 16.43
CA TYR C 306 -6.07 -44.95 17.69
C TYR C 306 -6.60 -43.59 18.20
N ASP C 307 -6.74 -42.62 17.29
CA ASP C 307 -7.10 -41.23 17.64
C ASP C 307 -8.54 -41.24 18.17
N VAL C 308 -9.41 -42.09 17.64
CA VAL C 308 -10.83 -42.16 18.12
C VAL C 308 -10.81 -42.80 19.51
N ALA C 309 -10.11 -43.93 19.62
CA ALA C 309 -9.92 -44.68 20.87
C ALA C 309 -9.50 -43.70 21.97
N VAL C 310 -8.40 -42.97 21.75
CA VAL C 310 -7.80 -42.06 22.76
C VAL C 310 -8.89 -41.12 23.25
N GLU C 311 -9.67 -40.56 22.32
CA GLU C 311 -10.69 -39.53 22.63
C GLU C 311 -11.82 -40.18 23.42
N ALA C 312 -12.16 -41.43 23.11
CA ALA C 312 -13.25 -42.20 23.78
C ALA C 312 -12.84 -42.48 25.24
N ILE C 313 -11.60 -42.90 25.45
CA ILE C 313 -11.03 -43.14 26.82
C ILE C 313 -11.09 -41.82 27.60
N ARG C 314 -10.71 -40.70 26.97
CA ARG C 314 -10.76 -39.34 27.57
C ARG C 314 -12.21 -39.02 27.93
N LEU C 315 -13.15 -39.33 27.03
CA LEU C 315 -14.61 -39.09 27.25
C LEU C 315 -15.06 -39.92 28.44
N VAL C 316 -14.75 -41.23 28.41
CA VAL C 316 -15.23 -42.21 29.43
C VAL C 316 -14.65 -41.83 30.78
N THR C 317 -13.37 -41.43 30.87
CA THR C 317 -12.75 -40.90 32.11
C THR C 317 -13.57 -39.73 32.65
N LEU C 318 -14.04 -38.81 31.78
CA LEU C 318 -14.86 -37.62 32.17
C LEU C 318 -16.20 -38.11 32.73
N ILE C 319 -16.83 -39.09 32.08
CA ILE C 319 -18.16 -39.59 32.52
C ILE C 319 -18.04 -40.18 33.93
N LEU C 320 -16.91 -40.81 34.23
CA LEU C 320 -16.68 -41.48 35.54
C LEU C 320 -16.39 -40.43 36.63
N HIS C 321 -15.53 -39.42 36.35
CA HIS C 321 -15.15 -38.36 37.34
C HIS C 321 -16.38 -37.51 37.71
N GLY C 322 -17.32 -37.32 36.79
CA GLY C 322 -18.58 -36.58 37.05
C GLY C 322 -19.65 -37.47 37.67
N SER C 323 -19.28 -38.68 38.11
CA SER C 323 -20.10 -39.55 39.00
C SER C 323 -19.32 -39.86 40.29
N GLY D 4 53.61 36.76 -11.81
CA GLY D 4 54.59 37.74 -11.21
C GLY D 4 56.05 37.35 -11.42
N THR D 5 56.94 37.81 -10.54
CA THR D 5 58.40 37.51 -10.52
C THR D 5 58.64 36.06 -10.08
N LEU D 6 59.77 35.47 -10.46
CA LEU D 6 60.09 34.08 -10.03
C LEU D 6 59.81 34.00 -8.53
N PHE D 7 60.40 34.90 -7.75
CA PHE D 7 60.28 34.89 -6.27
C PHE D 7 58.81 34.70 -5.94
N GLU D 8 57.96 35.61 -6.45
CA GLU D 8 56.50 35.67 -6.15
C GLU D 8 55.85 34.33 -6.49
N VAL D 9 56.20 33.76 -7.66
CA VAL D 9 55.62 32.51 -8.23
C VAL D 9 56.09 31.28 -7.45
N VAL D 10 57.37 31.26 -7.06
CA VAL D 10 57.95 30.14 -6.25
C VAL D 10 57.33 30.19 -4.85
N LYS D 11 57.20 31.39 -4.26
CA LYS D 11 56.42 31.61 -3.00
C LYS D 11 55.00 31.05 -3.14
N LEU D 12 54.28 31.38 -4.21
CA LEU D 12 52.90 30.88 -4.44
C LEU D 12 52.92 29.34 -4.54
N GLY D 13 53.92 28.76 -5.19
CA GLY D 13 54.08 27.30 -5.30
C GLY D 13 52.79 26.59 -5.71
N LYS D 14 51.95 27.20 -6.53
CA LYS D 14 50.71 26.57 -7.06
C LYS D 14 51.08 25.53 -8.13
N SER D 15 50.62 24.28 -7.96
CA SER D 15 50.75 23.21 -8.98
C SER D 15 49.86 23.57 -10.17
N ALA D 16 50.06 22.92 -11.31
CA ALA D 16 49.27 23.12 -12.54
C ALA D 16 47.80 22.77 -12.28
N MET D 17 47.49 22.02 -11.21
CA MET D 17 46.10 21.58 -10.90
C MET D 17 45.41 22.52 -9.91
N GLN D 18 46.14 23.05 -8.91
CA GLN D 18 45.64 24.17 -8.08
C GLN D 18 45.28 25.34 -9.00
N SER D 19 46.07 25.57 -10.04
CA SER D 19 45.92 26.67 -11.04
C SER D 19 44.75 26.39 -12.00
N VAL D 20 44.66 25.20 -12.57
CA VAL D 20 43.55 24.89 -13.53
C VAL D 20 42.23 24.99 -12.75
N VAL D 21 42.25 24.57 -11.48
CA VAL D 21 41.06 24.68 -10.58
C VAL D 21 40.72 26.16 -10.34
N ASP D 22 41.65 26.99 -9.89
CA ASP D 22 41.40 28.45 -9.70
C ASP D 22 40.81 29.06 -10.98
N ASP D 23 41.30 28.62 -12.14
CA ASP D 23 40.81 29.11 -13.46
C ASP D 23 39.39 28.60 -13.69
N TRP D 24 39.14 27.33 -13.38
CA TRP D 24 37.78 26.75 -13.50
C TRP D 24 36.80 27.60 -12.67
N ILE D 25 37.13 27.82 -11.41
CA ILE D 25 36.28 28.56 -10.44
C ILE D 25 35.98 29.95 -11.00
N GLU D 26 36.98 30.64 -11.51
CA GLU D 26 36.82 31.94 -12.21
C GLU D 26 35.80 31.74 -13.35
N SER D 27 35.98 30.71 -14.17
CA SER D 27 35.07 30.34 -15.27
C SER D 27 33.64 30.13 -14.72
N TYR D 28 33.51 29.39 -13.62
CA TYR D 28 32.20 29.12 -12.95
C TYR D 28 31.53 30.45 -12.58
N LYS D 29 32.31 31.42 -12.12
CA LYS D 29 31.74 32.67 -11.56
C LYS D 29 31.19 33.49 -12.71
N GLN D 30 31.74 33.27 -13.91
CA GLN D 30 31.40 34.05 -15.11
C GLN D 30 30.20 33.40 -15.79
N ASP D 31 30.21 32.09 -15.91
CA ASP D 31 29.18 31.30 -16.63
C ASP D 31 29.25 29.86 -16.14
N ARG D 32 28.25 29.44 -15.35
CA ARG D 32 28.18 28.13 -14.65
C ARG D 32 27.94 27.04 -15.70
N ASP D 33 27.05 27.32 -16.65
CA ASP D 33 26.75 26.35 -17.74
C ASP D 33 28.04 25.99 -18.48
N ILE D 34 28.84 26.95 -18.94
CA ILE D 34 30.10 26.62 -19.66
C ILE D 34 31.02 25.86 -18.69
N ALA D 35 31.13 26.33 -17.44
CA ALA D 35 32.08 25.75 -16.46
C ALA D 35 31.69 24.29 -16.14
N LEU D 36 30.41 24.00 -15.97
CA LEU D 36 29.95 22.62 -15.68
C LEU D 36 30.14 21.72 -16.90
N LEU D 37 29.84 22.24 -18.09
CA LEU D 37 30.10 21.51 -19.36
C LEU D 37 31.56 21.11 -19.42
N ASP D 38 32.49 22.00 -19.09
CA ASP D 38 33.94 21.68 -19.13
C ASP D 38 34.21 20.59 -18.10
N LEU D 39 33.57 20.69 -16.93
CA LEU D 39 33.79 19.72 -15.82
C LEU D 39 33.20 18.37 -16.24
N ILE D 40 32.03 18.38 -16.85
CA ILE D 40 31.43 17.12 -17.33
C ILE D 40 32.33 16.50 -18.40
N ASN D 41 32.71 17.23 -19.44
CA ASN D 41 33.60 16.72 -20.53
C ASN D 41 34.91 16.20 -19.94
N PHE D 42 35.39 16.82 -18.85
CA PHE D 42 36.57 16.28 -18.14
C PHE D 42 36.32 14.82 -17.75
N PHE D 43 35.25 14.58 -16.98
CA PHE D 43 34.89 13.25 -16.46
C PHE D 43 34.58 12.32 -17.63
N ILE D 44 33.97 12.83 -18.69
CA ILE D 44 33.70 12.01 -19.91
C ILE D 44 35.03 11.52 -20.47
N GLN D 45 36.01 12.41 -20.64
CA GLN D 45 37.34 12.02 -21.23
C GLN D 45 38.05 11.09 -20.24
N CYS D 46 38.03 11.45 -18.95
CA CYS D 46 38.62 10.65 -17.87
C CYS D 46 38.03 9.24 -17.96
N SER D 47 36.76 9.11 -18.34
CA SER D 47 36.07 7.78 -18.46
C SER D 47 36.53 6.98 -19.69
N GLY D 48 37.44 7.50 -20.51
CA GLY D 48 37.87 6.85 -21.77
C GLY D 48 36.95 7.14 -22.95
N CYS D 49 36.15 8.20 -22.90
CA CYS D 49 35.29 8.64 -24.01
C CYS D 49 36.01 9.74 -24.80
N ARG D 50 35.89 9.73 -26.14
CA ARG D 50 36.36 10.81 -27.04
C ARG D 50 35.21 11.76 -27.42
N GLY D 51 33.98 11.44 -27.09
CA GLY D 51 32.79 12.23 -27.50
C GLY D 51 32.36 13.23 -26.44
N THR D 52 32.97 14.41 -26.46
CA THR D 52 32.61 15.53 -25.57
C THR D 52 31.27 16.15 -26.02
N VAL D 53 30.46 16.55 -25.05
CA VAL D 53 29.14 17.23 -25.24
C VAL D 53 29.41 18.67 -25.66
N ARG D 54 28.72 19.15 -26.71
CA ARG D 54 28.82 20.55 -27.17
C ARG D 54 27.76 21.40 -26.45
N ILE D 55 28.03 22.69 -26.32
CA ILE D 55 27.31 23.63 -25.40
C ILE D 55 25.87 23.83 -25.87
N GLU D 56 25.66 24.00 -27.17
CA GLU D 56 24.31 24.26 -27.78
C GLU D 56 23.42 23.03 -27.52
N MET D 57 24.01 21.83 -27.41
CA MET D 57 23.31 20.58 -27.03
C MET D 57 23.15 20.54 -25.51
N PHE D 58 24.17 21.02 -24.79
CA PHE D 58 24.31 20.80 -23.33
C PHE D 58 23.12 21.37 -22.57
N ARG D 59 22.59 22.51 -23.02
CA ARG D 59 21.59 23.30 -22.23
C ARG D 59 20.24 22.59 -22.22
N ASN D 60 19.92 21.82 -23.26
CA ASN D 60 18.63 21.07 -23.39
C ASN D 60 18.78 19.66 -22.80
N MET D 61 19.96 19.32 -22.31
CA MET D 61 20.38 17.92 -22.08
C MET D 61 20.19 17.59 -20.60
N GLN D 62 19.74 16.37 -20.30
CA GLN D 62 19.60 15.84 -18.91
C GLN D 62 20.76 14.86 -18.64
N ASN D 63 21.04 14.62 -17.38
CA ASN D 63 22.13 13.72 -16.92
C ASN D 63 22.01 12.36 -17.60
N ALA D 64 20.80 11.80 -17.68
CA ALA D 64 20.54 10.50 -18.34
C ALA D 64 21.03 10.56 -19.79
N GLU D 65 20.76 11.65 -20.53
CA GLU D 65 21.05 11.74 -22.00
C GLU D 65 22.57 11.77 -22.20
N ILE D 66 23.31 12.48 -21.33
CA ILE D 66 24.80 12.59 -21.42
C ILE D 66 25.40 11.19 -21.23
N ILE D 67 24.87 10.41 -20.31
CA ILE D 67 25.34 9.03 -20.01
C ILE D 67 24.90 8.07 -21.14
N ARG D 68 23.74 8.31 -21.78
CA ARG D 68 23.30 7.48 -22.92
C ARG D 68 24.20 7.79 -24.12
N LYS D 69 24.49 9.08 -24.34
CA LYS D 69 25.42 9.50 -25.44
C LYS D 69 26.76 8.77 -25.26
N MET D 70 27.33 8.84 -24.05
CA MET D 70 28.64 8.20 -23.75
C MET D 70 28.55 6.70 -24.02
N THR D 71 27.48 6.07 -23.52
CA THR D 71 27.26 4.60 -23.60
C THR D 71 27.16 4.19 -25.09
N GLU D 72 26.54 5.02 -25.93
CA GLU D 72 26.32 4.71 -27.38
C GLU D 72 27.55 4.97 -28.24
N GLU D 73 28.54 5.74 -27.78
CA GLU D 73 29.75 6.15 -28.58
C GLU D 73 30.45 4.93 -29.17
N PHE D 74 30.49 3.80 -28.44
CA PHE D 74 31.14 2.54 -28.87
C PHE D 74 30.42 1.35 -28.22
N ASP D 75 30.55 0.14 -28.78
CA ASP D 75 29.84 -1.09 -28.31
C ASP D 75 30.76 -1.96 -27.43
N GLU D 76 32.09 -1.84 -27.53
CA GLU D 76 33.07 -2.68 -26.81
C GLU D 76 33.09 -2.34 -25.31
N ASP D 77 33.05 -3.34 -24.45
CA ASP D 77 33.36 -3.24 -23.00
C ASP D 77 34.86 -3.43 -22.83
N SER D 78 35.65 -2.37 -23.05
CA SER D 78 37.15 -2.39 -23.06
C SER D 78 37.70 -2.42 -21.63
N GLY D 79 38.80 -3.13 -21.43
CA GLY D 79 39.60 -3.08 -20.18
C GLY D 79 40.61 -1.95 -20.17
N ASP D 80 40.75 -1.22 -21.29
CA ASP D 80 41.73 -0.10 -21.46
C ASP D 80 41.00 1.25 -21.43
N TYR D 81 41.24 2.00 -20.37
CA TYR D 81 40.71 3.35 -20.10
C TYR D 81 41.75 4.05 -19.23
N PRO D 82 41.77 5.39 -19.11
CA PRO D 82 42.91 6.09 -18.50
C PRO D 82 43.40 5.45 -17.19
N LEU D 83 42.50 5.14 -16.26
CA LEU D 83 42.86 4.60 -14.92
C LEU D 83 43.50 3.20 -15.01
N THR D 84 43.57 2.57 -16.19
CA THR D 84 44.16 1.21 -16.32
C THR D 84 45.26 1.22 -17.37
N MET D 85 45.52 2.36 -18.01
CA MET D 85 46.46 2.41 -19.17
C MET D 85 47.87 2.20 -18.67
N PRO D 86 48.64 1.29 -19.31
CA PRO D 86 50.06 1.13 -19.00
C PRO D 86 50.85 2.11 -19.88
N GLY D 87 52.04 2.46 -19.43
CA GLY D 87 52.92 3.40 -20.14
C GLY D 87 53.16 4.61 -19.27
N PRO D 88 54.31 5.30 -19.42
CA PRO D 88 54.68 6.39 -18.52
C PRO D 88 53.76 7.62 -18.58
N GLN D 89 53.20 7.91 -19.77
CA GLN D 89 52.31 9.08 -20.05
C GLN D 89 51.02 8.96 -19.19
N TRP D 90 50.76 7.80 -18.59
CA TRP D 90 49.56 7.51 -17.76
C TRP D 90 49.92 7.10 -16.32
N LYS D 91 51.20 7.05 -15.97
CA LYS D 91 51.57 6.56 -14.62
C LYS D 91 50.94 7.51 -13.59
N LYS D 92 51.23 8.81 -13.68
CA LYS D 92 50.81 9.80 -12.66
C LYS D 92 49.27 9.97 -12.70
N PHE D 93 48.55 9.44 -13.70
CA PHE D 93 47.15 9.87 -14.02
C PHE D 93 46.26 9.68 -12.78
N ARG D 94 46.23 8.47 -12.24
CA ARG D 94 45.31 8.08 -11.15
C ARG D 94 45.48 9.06 -9.99
N SER D 95 46.73 9.22 -9.55
CA SER D 95 47.15 10.19 -8.51
C SER D 95 46.64 11.60 -8.86
N ASN D 96 46.89 12.02 -10.09
CA ASN D 96 46.57 13.39 -10.56
C ASN D 96 45.06 13.56 -10.57
N PHE D 97 44.35 12.57 -11.12
CA PHE D 97 42.87 12.51 -11.13
C PHE D 97 42.36 12.71 -9.70
N CYS D 98 42.87 11.92 -8.75
CA CYS D 98 42.43 11.95 -7.33
C CYS D 98 42.72 13.33 -6.73
N GLU D 99 43.92 13.88 -6.94
CA GLU D 99 44.32 15.19 -6.39
C GLU D 99 43.38 16.29 -6.92
N PHE D 100 42.98 16.21 -8.18
CA PHE D 100 42.19 17.27 -8.85
C PHE D 100 40.87 17.43 -8.09
N ILE D 101 40.25 16.31 -7.71
CA ILE D 101 38.92 16.32 -7.06
C ILE D 101 39.07 16.89 -5.66
N GLY D 102 40.16 16.50 -4.99
CA GLY D 102 40.50 16.98 -3.64
C GLY D 102 40.66 18.48 -3.64
N VAL D 103 41.42 18.98 -4.61
CA VAL D 103 41.70 20.43 -4.75
C VAL D 103 40.42 21.17 -5.16
N LEU D 104 39.64 20.61 -6.08
CA LEU D 104 38.45 21.29 -6.63
C LEU D 104 37.49 21.59 -5.47
N ILE D 105 37.29 20.63 -4.59
CA ILE D 105 36.33 20.79 -3.45
C ILE D 105 36.98 21.66 -2.38
N ARG D 106 38.28 21.51 -2.13
CA ARG D 106 38.98 22.36 -1.13
C ARG D 106 38.74 23.83 -1.51
N GLN D 107 38.79 24.18 -2.81
CA GLN D 107 38.74 25.59 -3.27
C GLN D 107 37.28 26.04 -3.42
N CYS D 108 36.36 25.12 -3.64
CA CYS D 108 34.91 25.41 -3.83
C CYS D 108 34.19 25.38 -2.47
N GLN D 109 34.86 25.06 -1.35
CA GLN D 109 34.18 24.66 -0.07
C GLN D 109 33.49 25.82 0.66
N TYR D 110 33.69 27.08 0.23
CA TYR D 110 33.25 28.29 0.99
C TYR D 110 31.96 28.81 0.39
N SER D 111 31.69 28.66 -0.91
CA SER D 111 30.41 29.11 -1.52
C SER D 111 29.84 28.10 -2.52
N ILE D 112 30.60 27.80 -3.57
CA ILE D 112 30.12 27.04 -4.75
C ILE D 112 29.48 25.70 -4.32
N ILE D 113 30.06 24.92 -3.42
CA ILE D 113 29.46 23.59 -3.11
C ILE D 113 28.02 23.76 -2.58
N TYR D 114 27.68 24.94 -2.03
CA TYR D 114 26.39 25.18 -1.34
C TYR D 114 25.29 25.67 -2.29
N ASP D 115 25.62 25.83 -3.59
CA ASP D 115 24.74 26.49 -4.58
C ASP D 115 23.73 25.47 -5.15
N GLU D 116 23.87 24.18 -4.85
CA GLU D 116 22.92 23.11 -5.26
C GLU D 116 22.83 22.99 -6.79
N TYR D 117 23.82 23.48 -7.49
CA TYR D 117 23.91 23.34 -8.97
C TYR D 117 25.14 22.51 -9.31
N MET D 118 26.30 22.91 -8.79
CA MET D 118 27.60 22.29 -9.13
C MET D 118 27.66 20.85 -8.60
N MET D 119 27.47 20.67 -7.29
CA MET D 119 27.64 19.37 -6.59
C MET D 119 26.55 18.41 -7.04
N ASP D 120 25.35 18.95 -7.22
CA ASP D 120 24.16 18.17 -7.66
C ASP D 120 24.39 17.62 -9.08
N THR D 121 24.93 18.43 -9.96
CA THR D 121 25.34 18.01 -11.33
C THR D 121 26.39 16.92 -11.21
N VAL D 122 27.44 17.15 -10.41
CA VAL D 122 28.62 16.22 -10.31
C VAL D 122 28.12 14.87 -9.77
N ILE D 123 27.49 14.88 -8.59
CA ILE D 123 26.96 13.66 -7.93
C ILE D 123 25.97 12.92 -8.86
N SER D 124 25.11 13.63 -9.59
CA SER D 124 24.15 13.03 -10.55
C SER D 124 24.91 12.21 -11.59
N LEU D 125 25.87 12.85 -12.23
CA LEU D 125 26.62 12.25 -13.35
C LEU D 125 27.43 11.07 -12.80
N LEU D 126 28.12 11.27 -11.67
CA LEU D 126 29.00 10.21 -11.10
C LEU D 126 28.09 9.03 -10.71
N THR D 127 27.00 9.28 -9.98
CA THR D 127 25.98 8.27 -9.60
C THR D 127 25.54 7.49 -10.86
N GLY D 128 25.09 8.20 -11.88
CA GLY D 128 24.54 7.54 -13.07
C GLY D 128 25.58 6.68 -13.77
N LEU D 129 26.83 7.14 -13.80
CA LEU D 129 27.94 6.42 -14.45
C LEU D 129 28.30 5.19 -13.61
N SER D 130 28.08 5.26 -12.29
CA SER D 130 28.44 4.17 -11.36
C SER D 130 27.49 2.99 -11.54
N ASP D 131 26.26 3.22 -12.03
CA ASP D 131 25.28 2.12 -12.29
C ASP D 131 25.51 1.54 -13.68
N SER D 132 26.42 2.12 -14.47
CA SER D 132 26.68 1.79 -15.91
C SER D 132 27.06 0.31 -16.08
N GLN D 133 26.82 -0.25 -17.27
CA GLN D 133 27.31 -1.60 -17.66
C GLN D 133 28.73 -1.48 -18.19
N VAL D 134 29.23 -0.26 -18.40
CA VAL D 134 30.60 -0.04 -18.95
C VAL D 134 31.58 -0.02 -17.77
N ARG D 135 32.60 -0.89 -17.82
CA ARG D 135 33.58 -1.05 -16.70
C ARG D 135 34.29 0.27 -16.46
N ALA D 136 34.78 0.89 -17.54
CA ALA D 136 35.49 2.20 -17.54
C ALA D 136 34.66 3.26 -16.81
N PHE D 137 33.34 3.21 -16.92
CA PHE D 137 32.48 4.29 -16.39
C PHE D 137 32.37 4.07 -14.89
N ARG D 138 32.11 2.82 -14.50
CA ARG D 138 31.89 2.47 -13.09
C ARG D 138 33.18 2.71 -12.31
N HIS D 139 34.31 2.26 -12.86
CA HIS D 139 35.64 2.38 -12.21
C HIS D 139 36.00 3.86 -12.08
N THR D 140 35.86 4.59 -13.18
CA THR D 140 36.25 6.02 -13.21
C THR D 140 35.34 6.85 -12.30
N SER D 141 34.02 6.60 -12.32
CA SER D 141 33.03 7.35 -11.53
C SER D 141 33.14 6.97 -10.06
N THR D 142 33.36 5.68 -9.75
CA THR D 142 33.38 5.21 -8.34
C THR D 142 34.59 5.86 -7.65
N LEU D 143 35.78 5.73 -8.25
CA LEU D 143 37.01 6.33 -7.68
C LEU D 143 36.78 7.82 -7.43
N ALA D 144 36.26 8.51 -8.44
CA ALA D 144 35.99 9.97 -8.37
C ALA D 144 35.08 10.25 -7.17
N ALA D 145 34.04 9.44 -7.00
CA ALA D 145 33.00 9.62 -5.96
C ALA D 145 33.59 9.36 -4.57
N MET D 146 34.41 8.32 -4.41
CA MET D 146 35.06 8.04 -3.11
C MET D 146 35.94 9.24 -2.73
N LYS D 147 36.74 9.78 -3.63
CA LYS D 147 37.62 10.92 -3.28
C LYS D 147 36.76 12.17 -3.01
N LEU D 148 35.65 12.35 -3.74
CA LEU D 148 34.72 13.48 -3.52
C LEU D 148 34.16 13.39 -2.08
N MET D 149 33.80 12.18 -1.66
CA MET D 149 33.29 11.89 -0.28
C MET D 149 34.34 12.31 0.75
N THR D 150 35.59 11.90 0.56
CA THR D 150 36.74 12.25 1.43
C THR D 150 36.88 13.77 1.48
N ALA D 151 36.83 14.44 0.33
CA ALA D 151 36.87 15.92 0.27
C ALA D 151 35.70 16.48 1.09
N LEU D 152 34.52 15.87 0.99
CA LEU D 152 33.31 16.39 1.67
C LEU D 152 33.47 16.16 3.17
N VAL D 153 34.00 15.01 3.57
CA VAL D 153 34.29 14.65 4.98
C VAL D 153 35.27 15.68 5.55
N ASN D 154 36.26 16.11 4.77
CA ASN D 154 37.20 17.17 5.19
C ASN D 154 36.44 18.47 5.41
N VAL D 155 35.52 18.82 4.54
CA VAL D 155 34.70 20.07 4.70
C VAL D 155 33.95 19.96 6.03
N ALA D 156 33.38 18.80 6.36
CA ALA D 156 32.54 18.62 7.57
C ALA D 156 33.41 18.81 8.82
N LEU D 157 34.65 18.33 8.81
CA LEU D 157 35.64 18.53 9.90
C LEU D 157 35.92 20.03 10.09
N ASN D 158 36.24 20.75 9.02
CA ASN D 158 36.45 22.23 8.99
C ASN D 158 35.21 22.96 9.55
N LEU D 159 34.02 22.37 9.38
CA LEU D 159 32.76 22.94 9.92
C LEU D 159 32.65 22.56 11.40
N SER D 160 33.03 21.32 11.78
CA SER D 160 33.14 20.88 13.20
C SER D 160 34.05 21.85 13.97
N ILE D 161 35.25 22.12 13.44
CA ILE D 161 36.26 23.06 14.01
C ILE D 161 35.65 24.48 14.12
N HIS D 162 34.94 24.96 13.10
CA HIS D 162 34.24 26.29 13.15
C HIS D 162 33.11 26.26 14.18
N GLN D 163 32.53 25.09 14.48
CA GLN D 163 31.34 24.97 15.37
C GLN D 163 31.76 24.72 16.83
N ASP D 164 32.98 24.18 17.05
CA ASP D 164 33.59 24.07 18.39
C ASP D 164 34.22 25.43 18.74
N ASN D 165 34.57 26.23 17.74
CA ASN D 165 35.15 27.59 17.86
C ASN D 165 34.04 28.66 17.89
N THR D 166 32.81 28.30 17.57
CA THR D 166 31.61 29.17 17.76
C THR D 166 30.90 28.74 19.06
N GLN D 167 31.34 27.65 19.70
CA GLN D 167 30.80 27.21 21.02
C GLN D 167 31.69 27.74 22.16
N ARG D 168 33.01 27.80 21.97
CA ARG D 168 33.94 28.40 22.98
C ARG D 168 33.76 29.93 23.03
N GLN D 169 33.53 30.58 21.87
CA GLN D 169 33.30 32.06 21.77
C GLN D 169 31.92 32.44 22.35
N TYR D 170 31.01 31.47 22.51
CA TYR D 170 29.69 31.59 23.21
C TYR D 170 29.87 31.31 24.71
N GLU D 171 30.99 31.76 25.32
CA GLU D 171 31.29 31.64 26.77
C GLU D 171 32.17 32.84 27.18
N GLU D 184 23.10 41.05 22.64
CA GLU D 184 23.55 42.26 21.88
C GLU D 184 24.61 41.81 20.86
N ARG D 185 25.78 41.38 21.36
CA ARG D 185 26.89 40.78 20.57
C ARG D 185 26.60 39.29 20.37
N LEU D 186 26.33 38.56 21.46
CA LEU D 186 26.21 37.07 21.48
C LEU D 186 24.98 36.57 20.68
N GLU D 187 24.29 37.42 19.91
CA GLU D 187 23.23 37.02 18.93
C GLU D 187 23.89 36.53 17.64
N LEU D 188 24.95 37.23 17.19
CA LEU D 188 25.78 36.92 15.98
C LEU D 188 26.41 35.54 16.16
N LEU D 189 26.97 35.28 17.35
CA LEU D 189 27.62 33.99 17.73
C LEU D 189 26.67 32.81 17.51
N LEU D 190 25.46 32.86 18.08
CA LEU D 190 24.49 31.73 17.97
C LEU D 190 23.75 31.79 16.62
N GLN D 191 24.11 32.75 15.73
CA GLN D 191 23.65 32.77 14.31
C GLN D 191 24.71 32.21 13.36
N LYS D 192 26.01 32.39 13.63
CA LYS D 192 27.09 31.56 13.01
C LYS D 192 26.63 30.11 13.15
N ARG D 193 26.32 29.69 14.39
CA ARG D 193 25.94 28.32 14.79
C ARG D 193 24.79 27.79 13.93
N LYS D 194 23.81 28.63 13.58
CA LYS D 194 22.64 28.26 12.72
C LYS D 194 23.11 28.06 11.27
N GLU D 195 23.87 29.03 10.72
CA GLU D 195 24.40 29.03 9.32
C GLU D 195 25.39 27.87 9.13
N LEU D 196 26.19 27.56 10.15
CA LEU D 196 27.18 26.43 10.14
C LEU D 196 26.40 25.11 10.23
N GLN D 197 25.32 25.07 11.01
CA GLN D 197 24.45 23.86 11.12
C GLN D 197 23.79 23.64 9.75
N GLU D 198 23.24 24.69 9.14
CA GLU D 198 22.66 24.66 7.77
C GLU D 198 23.70 23.98 6.87
N ASN D 199 24.95 24.47 6.93
CA ASN D 199 26.08 24.07 6.04
C ASN D 199 26.36 22.58 6.29
N GLN D 200 26.47 22.19 7.56
CA GLN D 200 26.75 20.79 7.94
C GLN D 200 25.64 19.90 7.39
N ASP D 201 24.38 20.35 7.41
CA ASP D 201 23.21 19.58 6.91
C ASP D 201 23.36 19.43 5.39
N GLU D 202 23.67 20.53 4.69
CA GLU D 202 23.92 20.50 3.22
C GLU D 202 25.03 19.48 2.91
N ILE D 203 26.18 19.53 3.59
CA ILE D 203 27.34 18.60 3.35
C ILE D 203 26.90 17.17 3.65
N GLU D 204 26.19 16.97 4.75
CA GLU D 204 25.69 15.63 5.12
C GLU D 204 24.76 15.08 4.03
N ASN D 205 23.86 15.88 3.43
CA ASN D 205 22.98 15.35 2.36
C ASN D 205 23.85 14.89 1.17
N MET D 206 24.90 15.62 0.85
CA MET D 206 25.76 15.29 -0.30
C MET D 206 26.49 13.97 -0.04
N MET D 207 27.09 13.82 1.16
CA MET D 207 27.77 12.58 1.62
C MET D 207 26.76 11.44 1.55
N ASN D 208 25.54 11.73 2.01
CA ASN D 208 24.50 10.68 2.11
C ASN D 208 24.11 10.24 0.70
N SER D 209 24.06 11.12 -0.29
CA SER D 209 23.65 10.75 -1.67
C SER D 209 24.77 10.00 -2.39
N ILE D 210 26.01 10.21 -1.96
CA ILE D 210 27.17 9.49 -2.55
C ILE D 210 27.23 8.09 -1.95
N PHE D 211 27.14 8.00 -0.63
CA PHE D 211 27.14 6.70 0.11
C PHE D 211 25.99 5.81 -0.40
N LYS D 212 24.74 6.29 -0.38
CA LYS D 212 23.55 5.48 -0.74
C LYS D 212 23.51 5.28 -2.25
N GLY D 213 23.90 6.34 -3.00
CA GLY D 213 23.83 6.40 -4.47
C GLY D 213 24.90 5.54 -5.13
N ILE D 214 26.05 5.39 -4.49
CA ILE D 214 27.24 4.82 -5.18
C ILE D 214 27.87 3.76 -4.29
N PHE D 215 28.36 4.15 -3.11
CA PHE D 215 29.24 3.29 -2.29
C PHE D 215 28.58 1.94 -2.05
N VAL D 216 27.31 1.91 -1.66
CA VAL D 216 26.62 0.66 -1.24
C VAL D 216 26.40 -0.26 -2.45
N HIS D 217 26.34 0.25 -3.66
CA HIS D 217 26.13 -0.59 -4.86
C HIS D 217 27.47 -1.09 -5.39
N ARG D 218 28.58 -0.42 -5.04
CA ARG D 218 29.89 -0.57 -5.73
C ARG D 218 30.92 -1.29 -4.87
N TYR D 219 30.70 -1.45 -3.57
CA TYR D 219 31.67 -2.12 -2.69
C TYR D 219 31.62 -3.62 -2.99
N ARG D 220 30.54 -4.09 -3.64
CA ARG D 220 30.41 -5.51 -4.08
C ARG D 220 30.39 -5.58 -5.60
N ASP D 221 31.08 -4.66 -6.27
CA ASP D 221 31.17 -4.62 -7.75
C ASP D 221 31.85 -5.89 -8.24
N ALA D 222 31.50 -6.35 -9.43
CA ALA D 222 32.12 -7.52 -10.09
C ALA D 222 33.61 -7.30 -10.31
N ILE D 223 34.05 -6.06 -10.36
CA ILE D 223 35.47 -5.68 -10.61
C ILE D 223 36.18 -5.47 -9.27
N ALA D 224 37.36 -6.08 -9.11
CA ALA D 224 38.10 -6.11 -7.84
C ALA D 224 38.53 -4.69 -7.45
N GLU D 225 39.07 -3.92 -8.39
CA GLU D 225 39.74 -2.64 -8.02
C GLU D 225 38.65 -1.68 -7.51
N ILE D 226 37.41 -1.88 -7.96
CA ILE D 226 36.26 -1.02 -7.52
C ILE D 226 35.94 -1.39 -6.07
N ARG D 227 36.04 -2.66 -5.72
CA ARG D 227 35.85 -3.09 -4.31
C ARG D 227 37.05 -2.57 -3.50
N ALA D 228 38.27 -2.80 -4.00
CA ALA D 228 39.47 -2.31 -3.30
C ALA D 228 39.30 -0.82 -3.02
N ILE D 229 38.71 -0.08 -3.98
CA ILE D 229 38.58 1.41 -3.94
C ILE D 229 37.56 1.82 -2.88
N CYS D 230 36.38 1.22 -2.88
CA CYS D 230 35.33 1.45 -1.86
C CYS D 230 35.86 1.11 -0.46
N ILE D 231 36.52 -0.04 -0.31
CA ILE D 231 36.93 -0.56 1.02
C ILE D 231 37.99 0.34 1.61
N GLU D 232 38.98 0.73 0.80
CA GLU D 232 40.06 1.62 1.25
C GLU D 232 39.43 2.92 1.80
N GLU D 233 38.52 3.53 1.04
CA GLU D 233 38.07 4.92 1.32
C GLU D 233 37.13 4.96 2.53
N ILE D 234 36.34 3.90 2.76
CA ILE D 234 35.46 3.84 3.96
C ILE D 234 36.38 3.72 5.19
N GLY D 235 37.51 3.00 5.02
CA GLY D 235 38.54 2.90 6.07
C GLY D 235 39.04 4.28 6.43
N VAL D 236 39.16 5.13 5.43
CA VAL D 236 39.73 6.50 5.54
C VAL D 236 38.74 7.39 6.29
N TRP D 237 37.45 7.29 5.98
CA TRP D 237 36.37 8.11 6.58
C TRP D 237 36.24 7.74 8.07
N MET D 238 36.17 6.44 8.37
CA MET D 238 36.04 5.93 9.76
C MET D 238 37.21 6.48 10.60
N LYS D 239 38.42 6.48 10.03
CA LYS D 239 39.66 6.97 10.68
C LYS D 239 39.56 8.46 10.94
N MET D 240 39.27 9.26 9.92
CA MET D 240 39.42 10.74 9.92
C MET D 240 38.21 11.41 10.58
N TYR D 241 37.05 10.76 10.59
CA TYR D 241 35.82 11.33 11.21
C TYR D 241 35.13 10.19 11.94
N SER D 242 35.76 9.77 13.04
CA SER D 242 35.36 8.62 13.88
C SER D 242 33.96 8.85 14.43
N ASP D 243 33.71 10.06 14.93
CA ASP D 243 32.44 10.42 15.62
C ASP D 243 31.24 10.16 14.69
N ALA D 244 31.44 10.29 13.37
CA ALA D 244 30.36 10.19 12.36
C ALA D 244 30.41 8.83 11.64
N PHE D 245 31.61 8.35 11.29
CA PHE D 245 31.74 7.17 10.41
C PHE D 245 32.14 5.88 11.15
N LEU D 246 32.63 5.92 12.39
CA LEU D 246 32.96 4.66 13.10
C LEU D 246 31.74 4.21 13.91
N ASN D 247 30.89 3.37 13.31
CA ASN D 247 29.82 2.63 14.00
C ASN D 247 29.62 1.29 13.26
N ASP D 248 28.72 0.44 13.75
CA ASP D 248 28.55 -0.94 13.21
C ASP D 248 27.89 -0.89 11.83
N SER D 249 27.20 0.21 11.48
CA SER D 249 26.52 0.41 10.17
C SER D 249 27.56 0.55 9.05
N TYR D 250 28.54 1.41 9.23
CA TYR D 250 29.66 1.51 8.28
C TYR D 250 30.56 0.26 8.36
N LEU D 251 30.81 -0.31 9.55
CA LEU D 251 31.91 -1.32 9.72
C LEU D 251 31.50 -2.61 9.01
N LYS D 252 30.22 -2.94 8.96
CA LYS D 252 29.81 -4.21 8.33
C LYS D 252 30.36 -4.28 6.89
N TYR D 253 30.42 -3.17 6.16
CA TYR D 253 30.87 -3.17 4.74
C TYR D 253 32.27 -3.74 4.72
N VAL D 254 33.10 -3.27 5.65
CA VAL D 254 34.47 -3.83 5.78
C VAL D 254 34.36 -5.29 6.22
N GLY D 255 33.69 -5.54 7.33
CA GLY D 255 33.54 -6.90 7.90
C GLY D 255 33.19 -7.91 6.80
N TRP D 256 32.14 -7.63 6.03
CA TRP D 256 31.58 -8.59 5.05
C TRP D 256 32.50 -8.71 3.83
N THR D 257 33.42 -7.78 3.63
CA THR D 257 34.39 -7.82 2.51
C THR D 257 35.65 -8.60 2.90
N LEU D 258 35.90 -8.82 4.21
CA LEU D 258 36.97 -9.73 4.69
C LEU D 258 36.87 -11.06 3.94
N HIS D 259 35.63 -11.50 3.64
CA HIS D 259 35.26 -12.79 3.00
C HIS D 259 35.64 -12.80 1.51
N ASP D 260 36.22 -11.70 0.99
CA ASP D 260 36.33 -11.42 -0.47
C ASP D 260 37.30 -12.40 -1.12
N ARG D 261 36.96 -12.89 -2.32
CA ARG D 261 37.71 -13.94 -3.07
C ARG D 261 39.02 -13.35 -3.63
N GLN D 262 39.32 -12.06 -3.49
CA GLN D 262 40.55 -11.45 -4.10
C GLN D 262 41.49 -10.91 -3.02
N GLY D 263 42.75 -11.29 -3.08
CA GLY D 263 43.74 -11.04 -2.01
C GLY D 263 43.90 -9.57 -1.75
N GLU D 264 43.92 -8.77 -2.82
CA GLU D 264 44.13 -7.30 -2.77
C GLU D 264 42.97 -6.64 -2.01
N VAL D 265 41.75 -7.16 -2.17
CA VAL D 265 40.55 -6.65 -1.44
C VAL D 265 40.64 -7.04 0.03
N ARG D 266 40.97 -8.30 0.32
CA ARG D 266 41.14 -8.76 1.72
C ARG D 266 42.24 -7.90 2.34
N LEU D 267 43.36 -7.73 1.64
CA LEU D 267 44.48 -6.91 2.15
C LEU D 267 44.03 -5.48 2.45
N LYS D 268 43.10 -4.90 1.66
CA LYS D 268 42.52 -3.54 1.87
C LYS D 268 41.60 -3.49 3.10
N CYS D 269 40.79 -4.52 3.36
CA CYS D 269 39.97 -4.62 4.60
C CYS D 269 40.92 -4.55 5.81
N LEU D 270 41.91 -5.44 5.85
CA LEU D 270 42.83 -5.60 7.02
C LEU D 270 43.53 -4.27 7.34
N LYS D 271 44.07 -3.61 6.32
CA LYS D 271 44.73 -2.29 6.47
C LYS D 271 43.72 -1.24 6.97
N ALA D 272 42.47 -1.29 6.52
CA ALA D 272 41.43 -0.33 6.94
C ALA D 272 41.17 -0.50 8.44
N LEU D 273 41.06 -1.76 8.87
CA LEU D 273 40.78 -2.15 10.28
C LEU D 273 41.97 -1.80 11.19
N GLN D 274 43.18 -2.12 10.73
CA GLN D 274 44.47 -1.85 11.43
C GLN D 274 44.49 -0.40 11.89
N SER D 275 44.26 0.54 10.96
CA SER D 275 44.41 2.00 11.19
C SER D 275 43.43 2.45 12.29
N LEU D 276 42.38 1.67 12.57
CA LEU D 276 41.40 1.97 13.65
C LEU D 276 41.93 1.36 14.96
N TYR D 277 42.26 0.07 14.94
CA TYR D 277 42.61 -0.69 16.17
C TYR D 277 43.94 -0.22 16.77
N THR D 278 44.82 0.46 16.03
CA THR D 278 46.05 1.08 16.60
C THR D 278 45.69 2.24 17.52
N ASN D 279 44.46 2.74 17.48
CA ASN D 279 43.94 3.78 18.42
C ASN D 279 43.21 3.08 19.59
N ARG D 280 43.79 3.16 20.78
CA ARG D 280 43.27 2.44 21.97
C ARG D 280 41.90 3.06 22.31
N GLU D 281 41.78 4.39 22.25
CA GLU D 281 40.53 5.13 22.55
C GLU D 281 39.36 4.60 21.72
N LEU D 282 39.61 4.17 20.48
CA LEU D 282 38.52 3.72 19.56
C LEU D 282 37.98 2.34 19.96
N PHE D 283 38.69 1.57 20.79
CA PHE D 283 38.34 0.16 21.13
C PHE D 283 36.87 -0.06 21.51
N PRO D 284 36.25 0.71 22.44
CA PRO D 284 34.82 0.50 22.76
C PRO D 284 33.87 0.46 21.55
N LYS D 285 34.17 1.23 20.50
CA LYS D 285 33.33 1.32 19.26
C LYS D 285 33.55 0.08 18.37
N LEU D 286 34.73 -0.55 18.47
CA LEU D 286 35.12 -1.76 17.70
C LEU D 286 34.69 -3.03 18.43
N GLU D 287 34.22 -2.98 19.69
CA GLU D 287 34.07 -4.21 20.52
C GLU D 287 33.12 -5.19 19.83
N LEU D 288 31.90 -4.77 19.50
CA LEU D 288 30.87 -5.68 18.93
C LEU D 288 31.33 -6.16 17.55
N PHE D 289 31.91 -5.25 16.78
CA PHE D 289 32.44 -5.58 15.43
C PHE D 289 33.45 -6.73 15.59
N THR D 290 34.34 -6.59 16.57
CA THR D 290 35.45 -7.55 16.84
C THR D 290 34.83 -8.92 17.14
N ASN D 291 33.83 -8.99 18.03
CA ASN D 291 33.19 -10.26 18.44
C ASN D 291 32.43 -10.84 17.26
N ARG D 292 31.68 -10.02 16.52
CA ARG D 292 30.89 -10.46 15.34
C ARG D 292 31.79 -11.03 14.24
N PHE D 293 32.91 -10.36 13.96
CA PHE D 293 33.81 -10.72 12.82
C PHE D 293 35.09 -11.41 13.32
N LYS D 294 35.14 -11.81 14.61
CA LYS D 294 36.31 -12.44 15.28
C LYS D 294 36.75 -13.69 14.50
N ASP D 295 35.79 -14.58 14.20
CA ASP D 295 36.06 -15.92 13.60
C ASP D 295 36.75 -15.74 12.25
N ARG D 296 36.24 -14.79 11.47
CA ARG D 296 36.69 -14.58 10.09
C ARG D 296 38.02 -13.80 10.11
N ILE D 297 38.24 -12.89 11.07
CA ILE D 297 39.49 -12.10 11.15
C ILE D 297 40.65 -13.05 11.47
N VAL D 298 40.46 -13.93 12.46
CA VAL D 298 41.56 -14.85 12.91
C VAL D 298 41.82 -15.87 11.80
N SER D 299 40.77 -16.45 11.22
CA SER D 299 40.85 -17.38 10.08
C SER D 299 41.89 -16.91 9.06
N MET D 300 42.07 -15.60 8.89
CA MET D 300 42.93 -14.98 7.84
C MET D 300 44.41 -14.91 8.26
N THR D 301 44.78 -15.19 9.51
CA THR D 301 46.21 -15.23 9.93
C THR D 301 46.91 -16.35 9.18
N LEU D 302 46.15 -17.36 8.71
CA LEU D 302 46.64 -18.47 7.85
C LEU D 302 45.92 -18.45 6.49
N ASP D 303 45.94 -17.28 5.84
CA ASP D 303 45.27 -17.03 4.54
C ASP D 303 46.17 -17.59 3.45
N LYS D 304 45.60 -18.16 2.36
CA LYS D 304 46.32 -18.68 1.17
C LYS D 304 47.41 -17.69 0.74
N GLU D 305 47.12 -16.39 0.77
CA GLU D 305 48.03 -15.29 0.35
C GLU D 305 48.89 -14.83 1.53
N TYR D 306 50.21 -14.93 1.39
CA TYR D 306 51.19 -14.57 2.46
C TYR D 306 50.93 -13.14 2.95
N ASP D 307 50.72 -12.20 2.03
CA ASP D 307 50.60 -10.76 2.37
C ASP D 307 49.36 -10.55 3.22
N VAL D 308 48.24 -11.17 2.85
CA VAL D 308 46.97 -11.05 3.60
C VAL D 308 47.19 -11.57 5.01
N ALA D 309 47.81 -12.76 5.15
CA ALA D 309 48.07 -13.43 6.43
C ALA D 309 48.89 -12.50 7.32
N VAL D 310 50.00 -12.00 6.79
CA VAL D 310 50.96 -11.15 7.52
C VAL D 310 50.22 -9.98 8.13
N GLU D 311 49.21 -9.47 7.43
CA GLU D 311 48.44 -8.27 7.85
C GLU D 311 47.31 -8.69 8.81
N ALA D 312 46.76 -9.90 8.64
CA ALA D 312 45.78 -10.48 9.59
C ALA D 312 46.48 -10.67 10.94
N ILE D 313 47.71 -11.19 10.91
CA ILE D 313 48.52 -11.37 12.16
C ILE D 313 48.80 -10.01 12.80
N ARG D 314 49.20 -9.00 12.03
CA ARG D 314 49.46 -7.64 12.58
C ARG D 314 48.16 -7.06 13.16
N LEU D 315 47.01 -7.37 12.56
CA LEU D 315 45.72 -6.83 13.04
C LEU D 315 45.42 -7.50 14.39
N VAL D 316 45.63 -8.81 14.49
CA VAL D 316 45.23 -9.61 15.68
C VAL D 316 46.10 -9.20 16.88
N THR D 317 47.40 -8.98 16.67
CA THR D 317 48.35 -8.52 17.73
C THR D 317 47.90 -7.14 18.24
N LEU D 318 47.30 -6.31 17.37
CA LEU D 318 46.75 -4.97 17.74
C LEU D 318 45.46 -5.17 18.52
N ILE D 319 44.54 -6.01 18.00
CA ILE D 319 43.28 -6.34 18.72
C ILE D 319 43.66 -6.86 20.11
N LEU D 320 44.76 -7.61 20.22
CA LEU D 320 45.20 -8.17 21.52
C LEU D 320 45.66 -7.02 22.43
N HIS D 321 46.58 -6.17 21.97
CA HIS D 321 47.11 -5.00 22.75
C HIS D 321 46.08 -3.87 22.80
N1 O3D E . 18.58 -16.83 9.57
C4 O3D E . 18.13 -14.73 8.32
C5 O3D E . 16.99 -14.10 8.63
C6 O3D E . 17.22 -12.70 8.51
C7 O3D E . 18.52 -12.56 8.10
C8 O3D E . 20.00 -16.91 9.96
C1 O3D E . 17.73 -16.91 11.90
C2 O3D E . 17.79 -16.14 10.60
C3 O3D E . 18.46 -16.17 8.27
C9 O3D E . 20.18 -17.86 11.12
O1 O3D E . 19.95 -15.79 12.73
O2 O3D E . 19.38 -18.01 13.61
O3 O3D E . 19.10 -13.81 7.99
S1 O3D E . 19.38 -17.10 12.52
#